data_1TW2
#
_entry.id   1TW2
#
_cell.length_a   60.682
_cell.length_b   102.582
_cell.length_c   124.256
_cell.angle_alpha   90.00
_cell.angle_beta   90.00
_cell.angle_gamma   90.00
#
_symmetry.space_group_name_H-M   'P 21 21 21'
#
loop_
_entity.id
_entity.type
_entity.pdbx_description
1 polymer 'Carminomycin 4-O-methyltransferase'
2 non-polymer S-ADENOSYL-L-HOMOCYSTEINE
3 non-polymer 'METHYL (4R)-2-ETHYL-2,5,12-TRIHYDROXY-7-METHOXY-6,11-DIOXO-4-{[2,3,6-TRIDEOXY-3-(DIMETHYLAMINO)-BETA-D-RIBO-HEXOPYRANOSYL]OXY}-1H,2H,3H,4H,6H,11H-TETRACENE-1-CARBOXYLATE'
4 water water
#
_entity_poly.entity_id   1
_entity_poly.type   'polypeptide(L)'
_entity_poly.pdbx_seq_one_letter_code
;GSPNSTAEPTVAARPQQIDALRTLIRLGSLHTPMVVRTAATLRLVDHILAGARTVKALAARTDTRPEALLRLIRHLVAIG
LLEEDAPGEFVPTEVGELLADDHPAAQRAWHDLTQAVARADISFTRLPDAIRTGRPTYESIYGKPFYEDLAGRPDLRASF
DSLLACDQDVAFDAPAAAYDWTNVRHVLDVGGGKGGFAAAIARRAPHVSATVLEMAGTVDTARSYLKDEGLSDRVDVVEG
DFFEPLPRKADAIILSFVLLNWPDHDAVRILTRCAEALEPGGRILIHERDDLHENSFNEQFTELDLRMLVFLGGALRTRE
KWDGLAASAGLVVEEVRQLPSPTIPYDLSLLVLAPAATGA
;
_entity_poly.pdbx_strand_id   A,B
#
loop_
_chem_comp.id
_chem_comp.type
_chem_comp.name
_chem_comp.formula
ERT non-polymer 'METHYL (4R)-2-ETHYL-2,5,12-TRIHYDROXY-7-METHOXY-6,11-DIOXO-4-{[2,3,6-TRIDEOXY-3-(DIMETHYLAMINO)-BETA-D-RIBO-HEXOPYRANOSYL]OXY}-1H,2H,3H,4H,6H,11H-TETRACENE-1-CARBOXYLATE' 'C31 H37 N O11'
#
# COMPACT_ATOMS: atom_id res chain seq x y z
N ASP A 19 -20.14 5.74 -10.03
CA ASP A 19 -19.29 4.92 -10.90
C ASP A 19 -18.68 3.73 -10.12
N ALA A 20 -17.59 3.18 -10.66
CA ALA A 20 -16.76 2.22 -9.94
C ALA A 20 -15.35 2.05 -10.60
N LEU A 21 -14.96 3.04 -11.39
CA LEU A 21 -13.56 3.24 -11.73
C LEU A 21 -12.88 3.97 -10.55
N ARG A 22 -13.69 4.65 -9.73
CA ARG A 22 -13.26 5.18 -8.45
C ARG A 22 -13.16 4.04 -7.43
N THR A 23 -13.97 2.99 -7.60
CA THR A 23 -13.87 1.79 -6.75
C THR A 23 -12.54 1.06 -6.96
N LEU A 24 -12.11 0.93 -8.22
CA LEU A 24 -10.81 0.32 -8.55
C LEU A 24 -9.61 1.13 -8.08
N ILE A 25 -9.67 2.45 -8.26
CA ILE A 25 -8.59 3.33 -7.82
C ILE A 25 -8.40 3.26 -6.31
N ARG A 26 -9.52 3.20 -5.59
CA ARG A 26 -9.52 3.09 -4.12
C ARG A 26 -8.85 1.78 -3.71
N LEU A 27 -9.21 0.68 -4.37
CA LEU A 27 -8.68 -0.65 -4.02
C LEU A 27 -7.19 -0.75 -4.32
N GLY A 28 -6.73 -0.09 -5.37
CA GLY A 28 -5.34 -0.13 -5.78
C GLY A 28 -4.49 1.00 -5.24
N SER A 29 -4.99 1.73 -4.24
CA SER A 29 -4.30 2.93 -3.78
C SER A 29 -3.19 2.58 -2.82
N LEU A 30 -1.97 2.95 -3.19
CA LEU A 30 -0.82 2.80 -2.29
C LEU A 30 -0.70 3.96 -1.32
N HIS A 31 -1.16 5.14 -1.75
CA HIS A 31 -1.24 6.36 -0.94
C HIS A 31 -1.81 6.10 0.44
N THR A 32 -3.05 5.63 0.43
CA THR A 32 -3.89 5.57 1.60
C THR A 32 -3.26 4.79 2.76
N PRO A 33 -2.90 3.52 2.56
CA PRO A 33 -2.28 2.75 3.63
C PRO A 33 -0.96 3.38 4.07
N MET A 34 -0.19 3.90 3.13
CA MET A 34 1.05 4.56 3.52
C MET A 34 0.79 5.81 4.35
N VAL A 35 -0.31 6.53 4.07
CA VAL A 35 -0.70 7.68 4.87
C VAL A 35 -1.19 7.25 6.26
N VAL A 36 -1.97 6.18 6.33
CA VAL A 36 -2.40 5.66 7.63
C VAL A 36 -1.16 5.30 8.46
N ARG A 37 -0.26 4.51 7.87
CA ARG A 37 0.95 4.06 8.55
C ARG A 37 1.90 5.20 8.93
N THR A 38 2.01 6.28 8.15
CA THR A 38 2.90 7.34 8.62
C THR A 38 2.22 8.15 9.69
N ALA A 39 0.90 8.30 9.61
CA ALA A 39 0.21 8.96 10.70
C ALA A 39 0.45 8.16 11.99
N ALA A 40 0.52 6.83 11.91
CA ALA A 40 0.73 6.00 13.10
C ALA A 40 2.17 6.10 13.64
N THR A 41 3.14 6.05 12.73
CA THR A 41 4.55 6.13 13.06
C THR A 41 4.91 7.44 13.75
N LEU A 42 4.23 8.51 13.37
CA LEU A 42 4.49 9.84 13.88
C LEU A 42 3.77 10.11 15.19
N ARG A 43 2.96 9.15 15.66
CA ARG A 43 2.10 9.32 16.84
C ARG A 43 1.14 10.48 16.67
N LEU A 44 0.71 10.69 15.42
CA LEU A 44 -0.09 11.86 15.05
C LEU A 44 -1.32 12.07 15.92
N VAL A 45 -2.17 11.06 15.97
CA VAL A 45 -3.39 11.12 16.76
C VAL A 45 -3.06 11.34 18.24
N ASP A 46 -1.99 10.73 18.76
CA ASP A 46 -1.62 10.93 20.18
C ASP A 46 -1.28 12.37 20.50
N HIS A 47 -0.49 13.01 19.65
CA HIS A 47 -0.08 14.42 19.84
C HIS A 47 -1.28 15.38 19.81
N ILE A 48 -2.26 15.14 18.95
CA ILE A 48 -3.47 15.96 18.93
C ILE A 48 -4.23 15.86 20.26
N LEU A 49 -4.38 14.65 20.77
CA LEU A 49 -5.05 14.42 22.04
C LEU A 49 -4.25 14.97 23.25
N ALA A 50 -2.93 15.09 23.09
CA ALA A 50 -2.06 15.54 24.18
C ALA A 50 -1.99 17.07 24.32
N GLY A 51 -2.64 17.80 23.41
CA GLY A 51 -2.61 19.26 23.41
C GLY A 51 -2.02 19.92 22.16
N ALA A 52 -2.05 19.25 21.01
CA ALA A 52 -1.61 19.87 19.74
C ALA A 52 -2.83 20.28 18.92
N ARG A 53 -3.21 21.54 19.06
CA ARG A 53 -4.39 22.09 18.39
C ARG A 53 -4.12 22.56 16.94
N THR A 54 -2.91 23.05 16.67
CA THR A 54 -2.55 23.66 15.40
C THR A 54 -1.63 22.77 14.58
N VAL A 55 -1.62 22.97 13.27
CA VAL A 55 -0.70 22.27 12.37
C VAL A 55 0.75 22.60 12.74
N LYS A 56 0.99 23.78 13.33
CA LYS A 56 2.34 24.19 13.68
C LYS A 56 2.83 23.39 14.87
N ALA A 57 1.96 23.20 15.84
CA ALA A 57 2.33 22.46 17.06
C ALA A 57 2.53 20.98 16.73
N LEU A 58 1.60 20.45 15.95
CA LEU A 58 1.66 19.08 15.45
C LEU A 58 2.96 18.81 14.69
N ALA A 59 3.41 19.78 13.89
CA ALA A 59 4.64 19.67 13.13
C ALA A 59 5.84 19.69 14.07
N ALA A 60 5.81 20.55 15.08
CA ALA A 60 6.86 20.58 16.11
C ALA A 60 7.01 19.24 16.87
N ARG A 61 5.87 18.67 17.26
CA ARG A 61 5.84 17.45 18.08
C ARG A 61 6.25 16.19 17.32
N THR A 62 5.90 16.15 16.05
CA THR A 62 6.21 15.03 15.17
C THR A 62 7.56 15.24 14.49
N ASP A 63 8.13 16.44 14.64
CA ASP A 63 9.34 16.83 13.95
C ASP A 63 9.15 16.76 12.42
N THR A 64 8.11 17.42 11.93
CA THR A 64 7.84 17.45 10.48
C THR A 64 7.81 18.89 9.94
N ARG A 65 7.84 19.01 8.61
CA ARG A 65 7.70 20.31 7.95
C ARG A 65 6.21 20.64 7.97
N PRO A 66 5.82 21.81 8.48
CA PRO A 66 4.41 22.21 8.53
C PRO A 66 3.62 22.13 7.21
N GLU A 67 4.23 22.54 6.09
CA GLU A 67 3.55 22.45 4.80
C GLU A 67 3.32 20.99 4.39
N ALA A 68 4.33 20.12 4.50
CA ALA A 68 4.18 18.71 4.15
C ALA A 68 3.23 17.93 5.09
N LEU A 69 3.24 18.27 6.38
CA LEU A 69 2.27 17.73 7.31
C LEU A 69 0.86 18.11 6.89
N LEU A 70 0.64 19.33 6.43
CA LEU A 70 -0.71 19.72 6.02
C LEU A 70 -1.12 18.89 4.82
N ARG A 71 -0.17 18.56 3.95
CA ARG A 71 -0.49 17.71 2.78
C ARG A 71 -0.83 16.29 3.20
N LEU A 72 -0.20 15.80 4.26
CA LEU A 72 -0.55 14.52 4.85
C LEU A 72 -1.94 14.59 5.46
N ILE A 73 -2.24 15.65 6.20
CA ILE A 73 -3.56 15.73 6.84
C ILE A 73 -4.68 15.98 5.85
N ARG A 74 -4.40 16.55 4.69
CA ARG A 74 -5.41 16.66 3.65
C ARG A 74 -5.97 15.27 3.37
N HIS A 75 -5.07 14.32 3.17
CA HIS A 75 -5.49 12.96 2.84
C HIS A 75 -6.13 12.20 4.01
N LEU A 76 -5.65 12.46 5.23
CA LEU A 76 -6.20 11.89 6.47
C LEU A 76 -7.64 12.39 6.70
N VAL A 77 -7.93 13.62 6.30
CA VAL A 77 -9.32 14.09 6.29
C VAL A 77 -10.18 13.37 5.20
N ALA A 78 -9.61 13.12 4.03
CA ALA A 78 -10.37 12.58 2.88
C ALA A 78 -10.75 11.13 3.04
N ILE A 79 -9.99 10.39 3.82
CA ILE A 79 -10.22 8.95 4.02
C ILE A 79 -10.88 8.67 5.37
N GLY A 80 -11.12 9.72 6.15
CA GLY A 80 -12.00 9.64 7.31
C GLY A 80 -11.33 9.57 8.67
N LEU A 81 -10.02 9.74 8.72
CA LEU A 81 -9.27 9.57 9.97
C LEU A 81 -9.08 10.86 10.80
N LEU A 82 -9.08 12.02 10.13
CA LEU A 82 -9.16 13.32 10.79
C LEU A 82 -10.29 14.16 10.19
N GLU A 83 -10.68 15.19 10.94
CA GLU A 83 -11.66 16.19 10.47
C GLU A 83 -11.37 17.56 11.11
N GLU A 84 -11.77 18.62 10.42
CA GLU A 84 -11.61 20.00 10.93
C GLU A 84 -12.70 20.31 11.95
N ASP A 85 -12.33 20.84 13.12
CA ASP A 85 -13.32 21.35 14.09
C ASP A 85 -13.45 22.85 13.88
N ALA A 86 -12.41 23.59 14.28
CA ALA A 86 -12.25 25.00 14.00
C ALA A 86 -11.30 25.14 12.80
N PRO A 87 -11.27 26.30 12.14
CA PRO A 87 -10.41 26.50 10.96
C PRO A 87 -8.92 26.16 11.17
N GLY A 88 -8.39 25.21 10.38
CA GLY A 88 -7.02 24.74 10.54
C GLY A 88 -6.74 24.00 11.86
N GLU A 89 -7.77 23.38 12.41
CA GLU A 89 -7.65 22.66 13.68
C GLU A 89 -8.21 21.25 13.42
N PHE A 90 -7.34 20.26 13.51
CA PHE A 90 -7.69 18.91 13.09
C PHE A 90 -7.79 17.94 14.26
N VAL A 91 -8.81 17.09 14.20
CA VAL A 91 -9.21 16.29 15.34
C VAL A 91 -9.58 14.87 14.85
N PRO A 92 -9.11 13.84 15.56
CA PRO A 92 -9.40 12.46 15.17
C PRO A 92 -10.89 12.11 15.19
N THR A 93 -11.33 11.35 14.20
CA THR A 93 -12.69 10.81 14.14
C THR A 93 -12.75 9.56 15.03
N GLU A 94 -13.92 8.94 15.12
CA GLU A 94 -14.09 7.62 15.75
C GLU A 94 -13.01 6.64 15.24
N VAL A 95 -12.90 6.54 13.92
CA VAL A 95 -11.92 5.66 13.29
C VAL A 95 -10.48 6.09 13.58
N GLY A 96 -10.21 7.38 13.46
CA GLY A 96 -8.90 7.91 13.81
C GLY A 96 -8.48 7.72 15.27
N GLU A 97 -9.45 7.65 16.18
CA GLU A 97 -9.15 7.49 17.61
C GLU A 97 -8.55 6.11 17.88
N LEU A 98 -8.69 5.20 16.93
CA LEU A 98 -8.16 3.85 17.08
C LEU A 98 -6.65 3.79 16.94
N LEU A 99 -6.03 4.90 16.54
CA LEU A 99 -4.58 5.00 16.50
C LEU A 99 -4.02 5.57 17.80
N ALA A 100 -4.88 5.85 18.76
CA ALA A 100 -4.42 6.22 20.11
C ALA A 100 -3.62 5.07 20.66
N ASP A 101 -2.39 5.35 21.08
CA ASP A 101 -1.47 4.33 21.58
C ASP A 101 -2.00 3.48 22.74
N ASP A 102 -2.86 4.05 23.57
CA ASP A 102 -3.47 3.32 24.69
C ASP A 102 -4.71 2.49 24.28
N HIS A 103 -5.07 2.47 23.00
CA HIS A 103 -6.23 1.70 22.56
C HIS A 103 -5.90 0.20 22.66
N PRO A 104 -6.85 -0.65 23.09
CA PRO A 104 -6.54 -2.07 23.36
C PRO A 104 -6.20 -2.93 22.14
N ALA A 105 -6.67 -2.54 20.96
CA ALA A 105 -6.37 -3.26 19.73
C ALA A 105 -4.98 -2.93 19.18
N ALA A 106 -4.33 -1.94 19.79
CA ALA A 106 -2.95 -1.56 19.46
C ALA A 106 -2.69 -1.36 17.95
N GLN A 107 -3.69 -0.87 17.22
CA GLN A 107 -3.55 -0.71 15.78
C GLN A 107 -2.46 0.28 15.42
N ARG A 108 -2.20 1.22 16.32
CA ARG A 108 -1.15 2.18 16.05
C ARG A 108 0.19 1.47 15.93
N ALA A 109 0.43 0.53 16.84
CA ALA A 109 1.65 -0.27 16.83
C ALA A 109 1.75 -1.15 15.58
N TRP A 110 0.67 -1.86 15.28
CA TRP A 110 0.60 -2.71 14.09
C TRP A 110 0.83 -1.96 12.76
N HIS A 111 0.69 -0.63 12.73
CA HIS A 111 0.90 0.17 11.51
C HIS A 111 2.15 1.08 11.55
N ASP A 112 2.96 0.92 12.60
CA ASP A 112 4.18 1.68 12.80
C ASP A 112 5.34 1.04 11.98
N LEU A 113 5.92 1.83 11.09
CA LEU A 113 6.92 1.34 10.12
C LEU A 113 8.28 0.98 10.76
N THR A 114 8.44 1.41 12.00
CA THR A 114 9.57 1.08 12.81
C THR A 114 9.45 -0.26 13.54
N GLN A 115 8.24 -0.67 13.87
CA GLN A 115 8.03 -1.96 14.55
C GLN A 115 7.88 -3.06 13.52
N ALA A 116 7.96 -4.30 13.97
CA ALA A 116 8.32 -5.44 13.11
C ALA A 116 7.32 -5.80 12.02
N VAL A 117 6.03 -5.67 12.30
CA VAL A 117 5.02 -6.13 11.34
C VAL A 117 4.86 -5.19 10.14
N ALA A 118 4.78 -3.88 10.39
CA ALA A 118 4.61 -2.93 9.29
C ALA A 118 5.90 -2.91 8.48
N ARG A 119 7.02 -3.15 9.15
CA ARG A 119 8.31 -3.27 8.50
C ARG A 119 8.28 -4.41 7.50
N ALA A 120 7.75 -5.54 7.93
CA ALA A 120 7.67 -6.71 7.08
C ALA A 120 6.69 -6.53 5.92
N ASP A 121 5.66 -5.68 6.08
CA ASP A 121 4.68 -5.46 5.00
C ASP A 121 5.32 -4.86 3.76
N ILE A 122 6.49 -4.25 3.91
CA ILE A 122 7.22 -3.79 2.74
C ILE A 122 7.48 -4.96 1.80
N SER A 123 7.57 -6.19 2.31
CA SER A 123 7.60 -7.40 1.46
C SER A 123 6.53 -7.47 0.39
N PHE A 124 5.39 -6.84 0.63
CA PHE A 124 4.36 -6.83 -0.39
C PHE A 124 4.76 -6.01 -1.61
N THR A 125 5.75 -5.13 -1.47
CA THR A 125 6.20 -4.34 -2.63
C THR A 125 6.78 -5.23 -3.71
N ARG A 126 7.21 -6.44 -3.34
CA ARG A 126 7.63 -7.45 -4.29
C ARG A 126 6.68 -8.67 -4.39
N LEU A 127 5.37 -8.48 -4.22
CA LEU A 127 4.42 -9.60 -4.38
C LEU A 127 4.56 -10.35 -5.74
N PRO A 128 4.68 -9.66 -6.87
CA PRO A 128 4.89 -10.37 -8.14
C PRO A 128 5.96 -11.46 -8.09
N ASP A 129 7.05 -11.24 -7.38
CA ASP A 129 8.09 -12.27 -7.25
C ASP A 129 7.53 -13.48 -6.53
N ALA A 130 6.80 -13.24 -5.45
CA ALA A 130 6.31 -14.33 -4.62
C ALA A 130 5.27 -15.19 -5.32
N ILE A 131 4.55 -14.64 -6.29
CA ILE A 131 3.54 -15.37 -7.07
C ILE A 131 4.23 -16.13 -8.19
N ARG A 132 5.33 -15.56 -8.68
CA ARG A 132 6.18 -16.22 -9.66
C ARG A 132 6.87 -17.47 -9.09
N THR A 133 7.41 -17.33 -7.88
CA THR A 133 8.29 -18.35 -7.27
C THR A 133 7.65 -19.20 -6.18
N GLY A 134 6.56 -18.70 -5.61
CA GLY A 134 6.01 -19.27 -4.38
C GLY A 134 6.91 -19.13 -3.15
N ARG A 135 7.91 -18.26 -3.20
CA ARG A 135 8.92 -18.12 -2.12
C ARG A 135 8.88 -16.73 -1.50
N PRO A 136 9.20 -16.62 -0.21
CA PRO A 136 9.07 -15.35 0.49
C PRO A 136 10.03 -14.27 -0.04
N THR A 137 9.61 -13.05 0.19
CA THR A 137 10.17 -11.85 -0.38
C THR A 137 11.01 -11.08 0.64
N TYR A 138 10.79 -11.39 1.91
CA TYR A 138 11.33 -10.64 3.03
C TYR A 138 12.85 -10.58 3.02
N GLU A 139 13.50 -11.71 2.77
CA GLU A 139 14.96 -11.80 2.80
C GLU A 139 15.59 -10.96 1.68
N SER A 140 14.97 -10.95 0.51
CA SER A 140 15.50 -10.19 -0.62
C SER A 140 15.56 -8.70 -0.31
N ILE A 141 14.73 -8.26 0.64
CA ILE A 141 14.70 -6.86 1.07
C ILE A 141 15.55 -6.55 2.31
N TYR A 142 15.57 -7.42 3.31
CA TYR A 142 16.20 -7.12 4.60
C TYR A 142 17.49 -7.94 4.89
N GLY A 143 17.80 -8.89 4.02
CA GLY A 143 19.07 -9.60 4.03
C GLY A 143 19.08 -10.94 4.73
N LYS A 144 18.03 -11.22 5.51
CA LYS A 144 17.89 -12.49 6.23
C LYS A 144 16.43 -12.94 6.20
N PRO A 145 16.18 -14.25 6.32
CA PRO A 145 14.82 -14.73 6.52
C PRO A 145 14.28 -14.23 7.85
N PHE A 146 12.96 -14.21 7.96
CA PHE A 146 12.23 -13.42 8.96
C PHE A 146 12.74 -13.58 10.40
N TYR A 147 12.88 -14.82 10.86
CA TYR A 147 13.18 -15.07 12.27
C TYR A 147 14.67 -14.96 12.56
N GLU A 148 15.51 -15.19 11.55
CA GLU A 148 16.92 -14.88 11.71
C GLU A 148 17.17 -13.37 11.83
N ASP A 149 16.43 -12.57 11.06
CA ASP A 149 16.47 -11.10 11.17
C ASP A 149 16.17 -10.68 12.61
N LEU A 150 15.06 -11.17 13.17
CA LEU A 150 14.71 -10.88 14.55
C LEU A 150 15.80 -11.39 15.54
N ALA A 151 16.51 -12.45 15.19
CA ALA A 151 17.55 -12.98 16.07
C ALA A 151 18.70 -11.99 16.24
N GLY A 152 18.96 -11.21 15.19
CA GLY A 152 20.03 -10.24 15.19
C GLY A 152 19.59 -8.80 15.31
N ARG A 153 18.34 -8.57 15.72
CA ARG A 153 17.87 -7.23 16.06
C ARG A 153 16.95 -7.31 17.28
N PRO A 154 17.53 -7.28 18.49
CA PRO A 154 16.72 -7.32 19.72
C PRO A 154 15.53 -6.33 19.66
N ASP A 155 15.83 -5.24 19.01
CA ASP A 155 14.88 -4.26 18.52
C ASP A 155 13.50 -4.83 18.08
N LEU A 156 13.54 -5.59 17.00
CA LEU A 156 12.35 -6.06 16.30
C LEU A 156 11.89 -7.39 16.88
N ARG A 157 12.80 -8.13 17.46
CA ARG A 157 12.45 -9.29 18.29
C ARG A 157 11.37 -8.88 19.29
N ALA A 158 11.69 -7.85 20.08
CA ALA A 158 10.81 -7.39 21.16
C ALA A 158 9.53 -6.74 20.66
N SER A 159 9.60 -6.02 19.53
CA SER A 159 8.41 -5.34 18.98
C SER A 159 7.43 -6.35 18.39
N PHE A 160 7.95 -7.37 17.72
CA PHE A 160 7.16 -8.47 17.24
C PHE A 160 6.47 -9.27 18.36
N ASP A 161 7.23 -9.69 19.36
CA ASP A 161 6.64 -10.41 20.48
C ASP A 161 5.50 -9.61 21.15
N SER A 162 5.67 -8.28 21.27
CA SER A 162 4.70 -7.41 21.96
C SER A 162 3.46 -7.15 21.12
N LEU A 163 3.63 -7.11 19.81
CA LEU A 163 2.48 -7.00 18.91
C LEU A 163 1.59 -8.24 19.00
N LEU A 164 2.17 -9.43 18.84
CA LEU A 164 1.40 -10.67 18.81
C LEU A 164 0.78 -10.96 20.16
N ALA A 165 1.40 -10.46 21.22
CA ALA A 165 0.92 -10.66 22.57
C ALA A 165 0.28 -9.38 23.11
N CYS A 166 -0.22 -8.52 22.23
CA CYS A 166 -0.82 -7.22 22.59
C CYS A 166 -2.14 -7.43 23.30
N ASP A 167 -2.65 -8.64 23.13
CA ASP A 167 -3.97 -9.12 23.45
C ASP A 167 -3.91 -10.22 24.51
N GLN A 168 -2.68 -10.62 24.86
CA GLN A 168 -2.32 -11.71 25.78
C GLN A 168 -3.27 -12.11 26.88
N ASP A 169 -3.81 -11.10 27.57
CA ASP A 169 -4.57 -11.34 28.80
C ASP A 169 -5.93 -11.97 28.52
N VAL A 170 -6.42 -11.84 27.29
CA VAL A 170 -7.73 -12.37 26.91
C VAL A 170 -7.79 -13.19 25.58
N ALA A 171 -6.76 -13.12 24.73
CA ALA A 171 -6.81 -13.75 23.40
C ALA A 171 -6.95 -15.26 23.42
N PHE A 172 -6.51 -15.86 24.53
CA PHE A 172 -6.47 -17.30 24.73
C PHE A 172 -7.52 -17.85 25.70
N ASP A 173 -8.35 -16.98 26.27
CA ASP A 173 -9.39 -17.39 27.25
C ASP A 173 -10.41 -18.31 26.60
N ALA A 174 -10.90 -17.91 25.43
CA ALA A 174 -11.88 -18.68 24.67
C ALA A 174 -11.44 -20.08 24.24
N PRO A 175 -10.30 -20.22 23.56
CA PRO A 175 -9.81 -21.57 23.21
C PRO A 175 -9.57 -22.49 24.42
N ALA A 176 -9.04 -21.96 25.52
CA ALA A 176 -8.88 -22.74 26.77
C ALA A 176 -10.23 -23.16 27.38
N ALA A 177 -11.26 -22.34 27.19
CA ALA A 177 -12.60 -22.66 27.70
C ALA A 177 -13.28 -23.74 26.89
N ALA A 178 -12.87 -23.89 25.64
CA ALA A 178 -13.47 -24.82 24.70
C ALA A 178 -12.82 -26.18 24.73
N TYR A 179 -11.80 -26.38 25.58
CA TYR A 179 -11.18 -27.70 25.71
C TYR A 179 -11.30 -28.22 27.14
N ASP A 180 -11.41 -29.53 27.30
CA ASP A 180 -11.56 -30.19 28.62
C ASP A 180 -10.19 -30.62 29.15
N TRP A 181 -9.77 -30.03 30.27
CA TRP A 181 -8.42 -30.18 30.84
C TRP A 181 -8.35 -31.21 31.95
N THR A 182 -9.42 -31.97 32.12
CA THR A 182 -9.59 -32.81 33.31
C THR A 182 -8.51 -33.88 33.42
N ASN A 183 -8.16 -34.49 32.29
CA ASN A 183 -7.18 -35.58 32.26
C ASN A 183 -5.81 -35.11 31.77
N VAL A 184 -5.61 -33.79 31.79
CA VAL A 184 -4.35 -33.16 31.41
C VAL A 184 -3.56 -32.83 32.68
N ARG A 185 -2.37 -33.39 32.80
CA ARG A 185 -1.47 -33.10 33.94
C ARG A 185 -0.39 -32.08 33.55
N HIS A 186 0.16 -32.22 32.34
CA HIS A 186 1.14 -31.28 31.80
C HIS A 186 0.87 -30.84 30.34
N VAL A 187 1.09 -29.54 30.09
CA VAL A 187 0.89 -28.92 28.78
C VAL A 187 2.21 -28.38 28.24
N LEU A 188 2.51 -28.67 26.98
CA LEU A 188 3.68 -28.12 26.28
C LEU A 188 3.19 -27.07 25.28
N ASP A 189 3.65 -25.83 25.39
CA ASP A 189 3.25 -24.80 24.44
C ASP A 189 4.41 -24.50 23.53
N VAL A 190 4.37 -25.10 22.34
CA VAL A 190 5.46 -25.07 21.38
C VAL A 190 5.45 -23.78 20.53
N GLY A 191 6.47 -22.95 20.74
CA GLY A 191 6.52 -21.62 20.16
C GLY A 191 5.48 -20.70 20.78
N GLY A 192 5.32 -20.81 22.11
CA GLY A 192 4.20 -20.21 22.81
C GLY A 192 4.29 -18.73 23.13
N GLY A 193 5.22 -18.02 22.53
CA GLY A 193 5.30 -16.58 22.69
C GLY A 193 5.74 -16.17 24.07
N LYS A 194 5.10 -15.12 24.60
CA LYS A 194 5.36 -14.62 25.96
C LYS A 194 4.64 -15.46 27.05
N GLY A 195 4.02 -16.57 26.65
CA GLY A 195 3.41 -17.53 27.57
C GLY A 195 1.91 -17.38 27.83
N GLY A 196 1.23 -16.51 27.10
CA GLY A 196 -0.16 -16.18 27.39
C GLY A 196 -1.17 -17.31 27.31
N PHE A 197 -0.92 -18.24 26.40
CA PHE A 197 -1.81 -19.36 26.24
C PHE A 197 -1.56 -20.30 27.43
N ALA A 198 -0.29 -20.57 27.75
CA ALA A 198 -0.02 -21.34 28.96
C ALA A 198 -0.71 -20.72 30.19
N ALA A 199 -0.65 -19.39 30.31
CA ALA A 199 -1.26 -18.68 31.44
C ALA A 199 -2.78 -18.82 31.52
N ALA A 200 -3.43 -18.85 30.37
CA ALA A 200 -4.88 -18.91 30.34
C ALA A 200 -5.39 -20.30 30.69
N ILE A 201 -4.66 -21.31 30.25
CA ILE A 201 -4.96 -22.69 30.57
C ILE A 201 -4.77 -22.89 32.06
N ALA A 202 -3.77 -22.22 32.62
CA ALA A 202 -3.41 -22.39 34.02
C ALA A 202 -4.49 -21.85 34.95
N ARG A 203 -4.99 -20.66 34.71
CA ARG A 203 -5.94 -20.10 35.66
C ARG A 203 -7.35 -20.64 35.40
N ARG A 204 -7.50 -21.30 34.24
CA ARG A 204 -8.69 -22.07 33.89
C ARG A 204 -8.75 -23.46 34.56
N ALA A 205 -7.56 -24.06 34.76
CA ALA A 205 -7.42 -25.43 35.23
C ALA A 205 -6.29 -25.51 36.26
N PRO A 206 -6.61 -25.38 37.55
CA PRO A 206 -5.57 -25.25 38.59
C PRO A 206 -4.65 -26.46 38.83
N HIS A 207 -5.01 -27.65 38.37
CA HIS A 207 -4.23 -28.87 38.65
C HIS A 207 -3.09 -29.06 37.65
N VAL A 208 -3.06 -28.18 36.65
CA VAL A 208 -2.22 -28.31 35.44
C VAL A 208 -0.90 -27.57 35.60
N SER A 209 0.20 -28.16 35.11
CA SER A 209 1.49 -27.44 35.00
C SER A 209 1.84 -27.34 33.52
N ALA A 210 2.76 -26.45 33.16
CA ALA A 210 3.09 -26.23 31.75
C ALA A 210 4.54 -25.85 31.44
N THR A 211 4.92 -26.06 30.19
CA THR A 211 6.24 -25.72 29.68
C THR A 211 6.09 -24.97 28.37
N VAL A 212 6.75 -23.84 28.25
CA VAL A 212 6.74 -23.02 27.04
C VAL A 212 8.09 -23.22 26.39
N LEU A 213 8.08 -23.54 25.10
CA LEU A 213 9.30 -23.62 24.31
C LEU A 213 9.31 -22.43 23.36
N GLU A 214 10.36 -21.62 23.40
CA GLU A 214 10.50 -20.44 22.54
C GLU A 214 11.96 -20.13 22.23
N MET A 215 12.18 -19.16 21.36
CA MET A 215 13.53 -18.76 20.96
C MET A 215 14.12 -17.74 21.93
N ALA A 216 15.40 -17.44 21.70
CA ALA A 216 16.14 -16.49 22.52
C ALA A 216 15.52 -15.12 22.34
N GLY A 217 15.62 -14.30 23.39
CA GLY A 217 14.88 -13.06 23.48
C GLY A 217 13.50 -13.32 24.05
N THR A 218 12.70 -14.05 23.31
CA THR A 218 11.30 -14.28 23.66
C THR A 218 11.15 -15.03 24.97
N VAL A 219 12.12 -15.88 25.30
CA VAL A 219 12.06 -16.66 26.54
C VAL A 219 12.18 -15.78 27.78
N ASP A 220 13.01 -14.74 27.74
CA ASP A 220 13.23 -13.90 28.93
C ASP A 220 12.02 -13.07 29.26
N THR A 221 11.41 -12.60 28.19
CA THR A 221 10.18 -11.84 28.20
C THR A 221 8.98 -12.70 28.61
N ALA A 222 8.93 -13.96 28.20
CA ALA A 222 7.93 -14.94 28.66
C ALA A 222 8.06 -15.24 30.14
N ARG A 223 9.30 -15.43 30.61
CA ARG A 223 9.58 -15.69 32.03
C ARG A 223 9.13 -14.55 32.95
N SER A 224 9.34 -13.31 32.51
CA SER A 224 8.97 -12.16 33.32
C SER A 224 7.45 -11.93 33.31
N TYR A 225 6.78 -12.22 32.20
CA TYR A 225 5.33 -12.12 32.17
C TYR A 225 4.65 -13.17 33.06
N LEU A 226 5.16 -14.40 33.02
CA LEU A 226 4.61 -15.49 33.81
C LEU A 226 4.85 -15.27 35.29
N LYS A 227 6.04 -14.75 35.62
CA LYS A 227 6.37 -14.40 37.00
C LYS A 227 5.39 -13.33 37.49
N ASP A 228 5.12 -12.34 36.65
CA ASP A 228 4.24 -11.22 37.00
C ASP A 228 2.74 -11.55 36.99
N GLU A 229 2.38 -12.73 36.49
CA GLU A 229 1.01 -13.25 36.58
C GLU A 229 0.84 -14.05 37.85
N GLY A 230 1.95 -14.37 38.51
CA GLY A 230 1.94 -15.20 39.71
C GLY A 230 2.06 -16.69 39.44
N LEU A 231 2.61 -17.03 38.27
CA LEU A 231 2.60 -18.39 37.73
C LEU A 231 3.98 -19.03 37.54
N SER A 232 5.03 -18.47 38.11
CA SER A 232 6.36 -19.01 37.89
C SER A 232 6.52 -20.44 38.47
N ASP A 233 5.73 -20.83 39.47
CA ASP A 233 5.77 -22.20 40.02
C ASP A 233 4.99 -23.24 39.21
N ARG A 234 4.10 -22.79 38.34
CA ARG A 234 3.27 -23.67 37.50
C ARG A 234 3.69 -23.71 36.02
N VAL A 235 4.61 -22.83 35.61
CA VAL A 235 4.94 -22.71 34.19
C VAL A 235 6.40 -22.40 33.99
N ASP A 236 7.12 -23.32 33.39
CA ASP A 236 8.53 -23.14 33.02
C ASP A 236 8.65 -22.62 31.58
N VAL A 237 9.79 -22.00 31.30
CA VAL A 237 10.15 -21.57 29.95
C VAL A 237 11.50 -22.15 29.58
N VAL A 238 11.57 -22.72 28.38
CA VAL A 238 12.74 -23.44 27.93
C VAL A 238 13.11 -22.92 26.57
N GLU A 239 14.39 -22.56 26.41
CA GLU A 239 14.93 -22.07 25.17
C GLU A 239 15.26 -23.27 24.30
N GLY A 240 14.98 -23.16 22.99
CA GLY A 240 15.12 -24.28 22.09
C GLY A 240 14.56 -24.10 20.69
N ASP A 241 14.35 -25.23 20.04
CA ASP A 241 14.14 -25.29 18.60
C ASP A 241 13.18 -26.45 18.36
N PHE A 242 11.95 -26.13 17.93
CA PHE A 242 10.89 -27.14 17.82
C PHE A 242 11.09 -28.13 16.66
N PHE A 243 12.17 -27.96 15.90
CA PHE A 243 12.59 -28.91 14.87
C PHE A 243 13.46 -30.03 15.44
N GLU A 244 14.05 -29.81 16.62
CA GLU A 244 14.79 -30.84 17.38
C GLU A 244 13.79 -31.51 18.35
N PRO A 245 14.15 -32.63 18.99
CA PRO A 245 13.23 -33.28 19.93
C PRO A 245 12.72 -32.33 21.01
N LEU A 246 11.47 -32.51 21.43
CA LEU A 246 10.90 -31.56 22.36
C LEU A 246 11.43 -31.90 23.75
N PRO A 247 11.56 -30.89 24.61
CA PRO A 247 12.27 -31.08 25.88
C PRO A 247 11.60 -32.05 26.84
N ARG A 248 10.30 -32.23 26.72
CA ARG A 248 9.50 -32.96 27.70
C ARG A 248 8.35 -33.69 27.01
N LYS A 249 7.66 -34.57 27.74
CA LYS A 249 6.45 -35.21 27.24
C LYS A 249 5.24 -34.48 27.83
N ALA A 250 4.07 -34.62 27.20
CA ALA A 250 2.90 -33.83 27.58
C ALA A 250 1.58 -34.45 27.13
N ASP A 251 0.56 -34.27 27.95
CA ASP A 251 -0.79 -34.71 27.62
C ASP A 251 -1.52 -33.83 26.61
N ALA A 252 -1.15 -32.57 26.52
CA ALA A 252 -1.68 -31.69 25.50
C ALA A 252 -0.55 -30.80 25.01
N ILE A 253 -0.41 -30.69 23.69
CA ILE A 253 0.66 -29.89 23.09
C ILE A 253 0.02 -28.81 22.21
N ILE A 254 0.41 -27.56 22.40
CA ILE A 254 -0.16 -26.40 21.73
C ILE A 254 0.73 -25.86 20.61
N LEU A 255 0.10 -25.58 19.46
CA LEU A 255 0.73 -24.87 18.37
C LEU A 255 -0.22 -23.74 18.02
N SER A 256 -0.04 -22.62 18.72
CA SER A 256 -0.82 -21.42 18.46
C SER A 256 -0.02 -20.45 17.56
N PHE A 257 -0.51 -20.25 16.35
CA PHE A 257 0.09 -19.39 15.32
C PHE A 257 1.57 -19.73 15.04
N VAL A 258 1.87 -21.03 14.97
CA VAL A 258 3.16 -21.54 14.52
C VAL A 258 3.09 -22.15 13.12
N LEU A 259 2.19 -23.11 12.92
CA LEU A 259 2.22 -23.90 11.69
C LEU A 259 2.11 -23.05 10.44
N LEU A 260 1.33 -21.97 10.48
CA LEU A 260 1.20 -21.06 9.33
C LEU A 260 2.50 -20.39 8.88
N ASN A 261 3.49 -20.30 9.75
CA ASN A 261 4.81 -19.76 9.41
C ASN A 261 5.64 -20.64 8.52
N TRP A 262 5.21 -21.88 8.25
CA TRP A 262 6.08 -22.87 7.62
C TRP A 262 5.42 -23.58 6.44
N PRO A 263 6.19 -23.85 5.40
CA PRO A 263 5.67 -24.62 4.26
C PRO A 263 5.42 -26.07 4.69
N ASP A 264 4.69 -26.83 3.89
CA ASP A 264 4.12 -28.11 4.34
C ASP A 264 5.11 -29.04 4.99
N HIS A 265 6.30 -29.19 4.39
CA HIS A 265 7.26 -30.17 4.85
C HIS A 265 7.75 -29.84 6.25
N ASP A 266 8.02 -28.56 6.48
CA ASP A 266 8.46 -28.07 7.79
C ASP A 266 7.35 -28.24 8.84
N ALA A 267 6.11 -27.97 8.44
CA ALA A 267 4.95 -28.07 9.32
C ALA A 267 4.61 -29.49 9.68
N VAL A 268 4.92 -30.44 8.79
CA VAL A 268 4.82 -31.86 9.10
C VAL A 268 5.97 -32.31 10.04
N ARG A 269 7.12 -31.66 9.99
CA ARG A 269 8.26 -31.99 10.87
C ARG A 269 7.94 -31.59 12.29
N ILE A 270 7.35 -30.40 12.44
CA ILE A 270 6.94 -29.86 13.72
C ILE A 270 5.84 -30.70 14.30
N LEU A 271 4.85 -31.01 13.47
CA LEU A 271 3.74 -31.88 13.87
C LEU A 271 4.23 -33.23 14.35
N THR A 272 5.27 -33.74 13.69
CA THR A 272 5.78 -35.09 13.96
C THR A 272 6.52 -35.12 15.29
N ARG A 273 7.23 -34.03 15.61
CA ARG A 273 7.94 -33.89 16.88
C ARG A 273 6.98 -33.79 18.06
N CYS A 274 5.81 -33.23 17.80
CA CYS A 274 4.75 -33.11 18.78
C CYS A 274 4.14 -34.47 19.04
N ALA A 275 3.84 -35.20 17.97
CA ALA A 275 3.33 -36.57 18.10
C ALA A 275 4.28 -37.45 18.91
N GLU A 276 5.59 -37.30 18.72
CA GLU A 276 6.60 -38.08 19.49
C GLU A 276 6.63 -37.72 20.97
N ALA A 277 6.16 -36.52 21.30
CA ALA A 277 6.15 -36.03 22.66
C ALA A 277 4.82 -36.23 23.35
N LEU A 278 3.82 -36.73 22.63
CA LEU A 278 2.50 -36.98 23.19
C LEU A 278 2.49 -38.22 24.08
N GLU A 279 2.06 -38.08 25.33
CA GLU A 279 1.85 -39.24 26.19
C GLU A 279 0.58 -39.97 25.73
N PRO A 280 0.37 -41.19 26.17
CA PRO A 280 -0.80 -41.97 25.72
C PRO A 280 -2.12 -41.24 25.98
N GLY A 281 -2.98 -41.19 24.96
CA GLY A 281 -4.26 -40.49 25.05
C GLY A 281 -4.24 -38.96 24.85
N GLY A 282 -3.06 -38.36 24.74
CA GLY A 282 -2.98 -36.91 24.62
C GLY A 282 -3.48 -36.35 23.29
N ARG A 283 -3.64 -35.03 23.22
CA ARG A 283 -3.98 -34.35 21.98
C ARG A 283 -3.01 -33.19 21.64
N ILE A 284 -2.98 -32.84 20.36
CA ILE A 284 -2.36 -31.59 19.90
C ILE A 284 -3.48 -30.59 19.55
N LEU A 285 -3.39 -29.36 20.06
CA LEU A 285 -4.32 -28.29 19.69
C LEU A 285 -3.62 -27.28 18.79
N ILE A 286 -4.23 -26.98 17.65
CA ILE A 286 -3.71 -26.01 16.69
C ILE A 286 -4.65 -24.81 16.74
N HIS A 287 -4.09 -23.63 17.01
CA HIS A 287 -4.88 -22.41 17.22
C HIS A 287 -4.39 -21.38 16.22
N GLU A 288 -4.89 -21.38 15.07
CA GLU A 288 -4.71 -20.32 14.06
C GLU A 288 -6.05 -19.98 13.40
N ARG A 289 -6.10 -20.17 12.10
CA ARG A 289 -7.29 -19.90 11.28
C ARG A 289 -7.27 -20.96 10.14
N ASP A 290 -8.28 -21.48 9.84
CA ASP A 290 -8.54 -22.22 8.63
C ASP A 290 -9.95 -21.87 8.10
N ASP A 291 -10.46 -22.69 7.19
CA ASP A 291 -11.74 -22.44 6.54
C ASP A 291 -11.97 -23.57 5.58
N LEU A 292 -13.23 -23.94 5.40
CA LEU A 292 -13.61 -24.82 4.32
C LEU A 292 -13.13 -24.17 3.03
N HIS A 293 -12.75 -24.96 2.05
CA HIS A 293 -12.27 -24.37 0.79
C HIS A 293 -13.31 -23.39 0.27
N GLU A 294 -14.55 -23.85 0.14
CA GLU A 294 -15.59 -23.04 -0.45
C GLU A 294 -15.83 -21.76 0.35
N ASN A 295 -15.51 -21.79 1.65
CA ASN A 295 -15.66 -20.61 2.52
C ASN A 295 -14.40 -19.75 2.69
N SER A 296 -13.34 -20.07 1.95
CA SER A 296 -12.03 -19.45 2.16
C SER A 296 -11.85 -18.16 1.39
N PHE A 297 -12.78 -17.83 0.50
CA PHE A 297 -12.63 -16.66 -0.37
C PHE A 297 -13.11 -15.40 0.34
N ASN A 298 -12.41 -15.05 1.42
CA ASN A 298 -12.74 -13.89 2.26
C ASN A 298 -11.49 -13.09 2.70
N GLU A 299 -11.70 -11.83 3.04
CA GLU A 299 -10.62 -10.92 3.45
C GLU A 299 -9.80 -11.35 4.70
N GLN A 300 -10.42 -12.08 5.64
CA GLN A 300 -9.73 -12.49 6.86
C GLN A 300 -8.73 -13.62 6.60
N PHE A 301 -9.14 -14.59 5.78
CA PHE A 301 -8.32 -15.72 5.42
C PHE A 301 -7.16 -15.28 4.51
N THR A 302 -7.49 -14.49 3.50
CA THR A 302 -6.51 -13.98 2.53
C THR A 302 -5.49 -13.03 3.12
N GLU A 303 -5.91 -12.15 4.03
CA GLU A 303 -4.99 -11.14 4.54
C GLU A 303 -3.85 -11.76 5.35
N LEU A 304 -4.14 -12.88 6.01
CA LEU A 304 -3.13 -13.60 6.77
C LEU A 304 -2.37 -14.58 5.89
N ASP A 305 -3.09 -15.26 5.00
CA ASP A 305 -2.45 -16.22 4.13
C ASP A 305 -1.36 -15.60 3.28
N LEU A 306 -1.61 -14.37 2.82
CA LEU A 306 -0.70 -13.66 1.94
C LEU A 306 0.47 -13.02 2.69
N ARG A 307 0.27 -12.63 3.96
CA ARG A 307 1.38 -12.13 4.78
C ARG A 307 2.33 -13.29 5.03
N MET A 308 1.75 -14.46 5.24
CA MET A 308 2.52 -15.66 5.48
C MET A 308 3.34 -16.05 4.24
N LEU A 309 2.79 -15.86 3.05
CA LEU A 309 3.50 -16.18 1.81
C LEU A 309 4.72 -15.30 1.69
N VAL A 310 4.49 -14.02 1.89
CA VAL A 310 5.45 -13.02 1.51
C VAL A 310 6.49 -12.82 2.64
N PHE A 311 6.11 -13.01 3.91
CA PHE A 311 7.05 -12.89 5.03
C PHE A 311 7.88 -14.15 5.21
N LEU A 312 7.26 -15.31 4.99
CA LEU A 312 7.74 -16.57 5.54
C LEU A 312 7.78 -17.76 4.60
N GLY A 313 7.02 -17.71 3.51
CA GLY A 313 6.80 -18.87 2.69
C GLY A 313 5.84 -19.84 3.36
N GLY A 314 5.09 -19.36 4.36
CA GLY A 314 4.04 -20.15 4.97
C GLY A 314 2.70 -20.04 4.26
N ALA A 315 1.63 -20.39 4.97
CA ALA A 315 0.28 -20.38 4.43
C ALA A 315 -0.79 -20.68 5.47
N LEU A 316 -2.00 -20.28 5.17
CA LEU A 316 -3.17 -20.82 5.84
C LEU A 316 -3.59 -22.00 5.02
N ARG A 317 -4.29 -22.92 5.66
CA ARG A 317 -4.69 -24.15 5.02
C ARG A 317 -6.16 -24.38 5.25
N THR A 318 -6.84 -24.91 4.24
CA THR A 318 -8.26 -25.25 4.35
C THR A 318 -8.45 -26.53 5.18
N ARG A 319 -9.68 -26.76 5.63
CA ARG A 319 -10.03 -27.99 6.33
C ARG A 319 -9.47 -29.22 5.59
N GLU A 320 -9.73 -29.28 4.29
CA GLU A 320 -9.33 -30.41 3.47
C GLU A 320 -7.80 -30.56 3.49
N LYS A 321 -7.09 -29.46 3.31
CA LYS A 321 -5.62 -29.48 3.32
C LYS A 321 -5.05 -29.89 4.68
N TRP A 322 -5.80 -29.67 5.77
CA TRP A 322 -5.34 -30.04 7.12
C TRP A 322 -5.34 -31.55 7.35
N ASP A 323 -6.29 -32.26 6.75
CA ASP A 323 -6.33 -33.72 6.78
C ASP A 323 -5.04 -34.32 6.18
N GLY A 324 -4.58 -33.77 5.06
CA GLY A 324 -3.38 -34.25 4.41
C GLY A 324 -2.12 -34.08 5.27
N LEU A 325 -1.96 -32.90 5.86
CA LEU A 325 -0.83 -32.61 6.77
C LEU A 325 -0.87 -33.46 8.05
N ALA A 326 -2.06 -33.60 8.60
CA ALA A 326 -2.29 -34.46 9.76
C ALA A 326 -1.74 -35.86 9.47
N ALA A 327 -2.11 -36.42 8.33
CA ALA A 327 -1.83 -37.83 8.03
C ALA A 327 -0.34 -38.06 7.73
N SER A 328 0.29 -37.13 7.00
CA SER A 328 1.73 -37.15 6.80
C SER A 328 2.51 -37.24 8.12
N ALA A 329 1.87 -36.78 9.21
CA ALA A 329 2.45 -36.79 10.56
C ALA A 329 1.91 -37.90 11.47
N GLY A 330 1.10 -38.79 10.92
CA GLY A 330 0.52 -39.88 11.69
C GLY A 330 -0.52 -39.41 12.67
N LEU A 331 -1.35 -38.47 12.24
CA LEU A 331 -2.39 -37.85 13.06
C LEU A 331 -3.70 -37.78 12.27
N VAL A 332 -4.82 -37.64 13.00
CA VAL A 332 -6.14 -37.32 12.44
C VAL A 332 -6.68 -36.05 13.05
N VAL A 333 -7.42 -35.28 12.25
CA VAL A 333 -8.16 -34.14 12.77
C VAL A 333 -9.46 -34.63 13.36
N GLU A 334 -9.59 -34.47 14.68
CA GLU A 334 -10.75 -34.94 15.44
C GLU A 334 -11.94 -33.98 15.42
N GLU A 335 -11.68 -32.69 15.61
CA GLU A 335 -12.76 -31.66 15.68
C GLU A 335 -12.26 -30.22 15.47
N VAL A 336 -13.14 -29.35 14.98
CA VAL A 336 -12.82 -27.94 14.70
C VAL A 336 -13.94 -27.00 15.15
N ARG A 337 -13.62 -26.02 15.99
CA ARG A 337 -14.52 -24.90 16.32
C ARG A 337 -13.99 -23.59 15.75
N GLN A 338 -14.87 -22.62 15.50
CA GLN A 338 -14.42 -21.26 15.23
C GLN A 338 -14.72 -20.40 16.47
N LEU A 339 -13.84 -19.46 16.77
CA LEU A 339 -13.91 -18.64 17.99
C LEU A 339 -13.61 -17.17 17.65
N PRO A 340 -14.36 -16.19 18.18
CA PRO A 340 -14.07 -14.79 17.86
C PRO A 340 -12.92 -14.22 18.70
N SER A 341 -12.12 -13.33 18.12
CA SER A 341 -11.14 -12.58 18.90
C SER A 341 -11.91 -11.53 19.70
N PRO A 342 -11.51 -11.29 20.97
CA PRO A 342 -12.13 -10.23 21.78
C PRO A 342 -11.62 -8.81 21.51
N THR A 343 -10.75 -8.67 20.53
CA THR A 343 -9.97 -7.44 20.36
C THR A 343 -10.09 -6.84 18.97
N ILE A 344 -10.10 -7.71 17.98
CA ILE A 344 -9.95 -7.33 16.59
C ILE A 344 -11.03 -8.05 15.80
N PRO A 345 -11.48 -7.49 14.67
CA PRO A 345 -12.48 -8.17 13.82
C PRO A 345 -11.90 -9.37 13.08
N TYR A 346 -11.92 -10.52 13.74
CA TYR A 346 -11.23 -11.71 13.21
C TYR A 346 -11.67 -12.95 13.96
N ASP A 347 -11.98 -14.00 13.22
CA ASP A 347 -12.32 -15.29 13.82
C ASP A 347 -11.14 -16.24 13.74
N LEU A 348 -10.98 -17.04 14.79
CA LEU A 348 -9.89 -18.00 14.91
C LEU A 348 -10.47 -19.40 14.85
N SER A 349 -9.59 -20.39 14.68
CA SER A 349 -9.98 -21.79 14.65
C SER A 349 -9.13 -22.57 15.63
N LEU A 350 -9.76 -23.53 16.30
CA LEU A 350 -9.06 -24.43 17.19
C LEU A 350 -9.24 -25.85 16.63
N LEU A 351 -8.16 -26.43 16.12
CA LEU A 351 -8.18 -27.81 15.64
C LEU A 351 -7.61 -28.72 16.72
N VAL A 352 -8.29 -29.83 17.00
CA VAL A 352 -7.82 -30.85 17.93
C VAL A 352 -7.40 -32.09 17.12
N LEU A 353 -6.15 -32.52 17.30
CA LEU A 353 -5.52 -33.61 16.56
C LEU A 353 -5.08 -34.75 17.49
N ALA A 354 -5.36 -35.98 17.07
CA ALA A 354 -5.04 -37.18 17.84
C ALA A 354 -4.16 -38.10 17.02
N PRO A 355 -3.47 -39.04 17.67
CA PRO A 355 -2.77 -40.09 16.91
C PRO A 355 -3.73 -40.84 15.99
N ALA A 356 -3.26 -41.32 14.84
CA ALA A 356 -4.07 -42.12 13.90
C ALA A 356 -4.02 -43.63 14.22
N GLU B 8 -13.78 -17.82 37.30
CA GLU B 8 -15.00 -17.25 36.74
C GLU B 8 -15.24 -17.83 35.36
N PRO B 9 -16.49 -17.77 34.85
CA PRO B 9 -16.78 -18.29 33.51
C PRO B 9 -16.20 -17.39 32.44
N THR B 10 -16.06 -17.97 31.26
CA THR B 10 -15.49 -17.27 30.13
C THR B 10 -16.60 -16.98 29.12
N VAL B 11 -16.61 -15.74 28.64
CA VAL B 11 -17.54 -15.33 27.61
C VAL B 11 -16.72 -14.66 26.52
N ALA B 12 -16.87 -15.16 25.30
CA ALA B 12 -16.09 -14.67 24.17
C ALA B 12 -16.85 -13.61 23.39
N ALA B 13 -16.80 -12.38 23.92
CA ALA B 13 -17.37 -11.23 23.21
C ALA B 13 -16.48 -10.82 22.05
N ARG B 14 -17.07 -10.09 21.11
CA ARG B 14 -16.33 -9.38 20.08
C ARG B 14 -16.02 -8.00 20.64
N PRO B 15 -15.01 -7.29 20.10
CA PRO B 15 -14.63 -5.97 20.62
C PRO B 15 -15.71 -4.91 20.36
N GLN B 16 -15.78 -3.91 21.23
CA GLN B 16 -16.89 -2.96 21.15
C GLN B 16 -16.98 -2.20 19.80
N GLN B 17 -15.89 -1.60 19.35
CA GLN B 17 -15.95 -0.70 18.17
C GLN B 17 -15.48 -1.44 16.90
N ILE B 18 -16.04 -2.62 16.70
CA ILE B 18 -15.57 -3.56 15.67
C ILE B 18 -15.77 -3.10 14.20
N ASP B 19 -16.73 -2.21 13.94
CA ASP B 19 -16.99 -1.73 12.59
C ASP B 19 -15.92 -0.71 12.19
N ALA B 20 -15.72 0.28 13.04
CA ALA B 20 -14.64 1.23 12.91
C ALA B 20 -13.29 0.51 12.81
N LEU B 21 -13.11 -0.57 13.57
CA LEU B 21 -11.86 -1.32 13.55
C LEU B 21 -11.59 -1.94 12.17
N ARG B 22 -12.59 -2.54 11.55
CA ARG B 22 -12.36 -3.14 10.24
C ARG B 22 -12.25 -2.08 9.16
N THR B 23 -12.76 -0.87 9.43
CA THR B 23 -12.59 0.24 8.50
C THR B 23 -11.13 0.71 8.52
N LEU B 24 -10.56 0.82 9.71
CA LEU B 24 -9.19 1.22 9.87
C LEU B 24 -8.24 0.16 9.31
N ILE B 25 -8.44 -1.10 9.71
CA ILE B 25 -7.60 -2.19 9.24
C ILE B 25 -7.64 -2.31 7.72
N ARG B 26 -8.80 -2.07 7.12
CA ARG B 26 -8.94 -2.14 5.67
C ARG B 26 -8.16 -0.98 5.02
N LEU B 27 -8.29 0.23 5.56
CA LEU B 27 -7.62 1.42 4.98
C LEU B 27 -6.09 1.34 5.13
N GLY B 28 -5.60 0.64 6.15
CA GLY B 28 -4.17 0.59 6.42
C GLY B 28 -3.44 -0.53 5.70
N SER B 29 -4.18 -1.36 4.96
CA SER B 29 -3.66 -2.61 4.41
C SER B 29 -2.84 -2.41 3.12
N LEU B 30 -1.66 -2.99 3.09
CA LEU B 30 -0.80 -2.80 1.95
C LEU B 30 -1.01 -3.94 0.97
N HIS B 31 -1.32 -5.13 1.47
CA HIS B 31 -1.49 -6.29 0.61
C HIS B 31 -2.52 -6.07 -0.48
N THR B 32 -3.63 -5.38 -0.15
CA THR B 32 -4.72 -5.19 -1.12
C THR B 32 -4.33 -4.41 -2.37
N PRO B 33 -3.81 -3.19 -2.25
CA PRO B 33 -3.34 -2.46 -3.44
C PRO B 33 -2.22 -3.17 -4.20
N MET B 34 -1.41 -3.96 -3.49
CA MET B 34 -0.39 -4.76 -4.13
C MET B 34 -0.97 -5.96 -4.90
N VAL B 35 -2.05 -6.57 -4.42
CA VAL B 35 -2.73 -7.65 -5.14
C VAL B 35 -3.35 -7.13 -6.43
N VAL B 36 -3.98 -5.96 -6.37
CA VAL B 36 -4.52 -5.30 -7.57
C VAL B 36 -3.41 -5.02 -8.56
N ARG B 37 -2.30 -4.50 -8.05
CA ARG B 37 -1.18 -4.10 -8.92
C ARG B 37 -0.47 -5.30 -9.54
N THR B 38 -0.40 -6.44 -8.84
CA THR B 38 0.25 -7.60 -9.46
C THR B 38 -0.71 -8.27 -10.43
N ALA B 39 -1.99 -8.21 -10.19
CA ALA B 39 -2.98 -8.61 -11.19
C ALA B 39 -2.84 -7.84 -12.52
N ALA B 40 -2.67 -6.52 -12.44
CA ALA B 40 -2.45 -5.69 -13.64
C ALA B 40 -1.14 -5.99 -14.36
N THR B 41 -0.06 -6.19 -13.60
CA THR B 41 1.26 -6.43 -14.17
C THR B 41 1.27 -7.78 -14.87
N LEU B 42 0.64 -8.77 -14.25
CA LEU B 42 0.50 -10.10 -14.82
C LEU B 42 -0.50 -10.13 -15.95
N ARG B 43 -1.20 -9.02 -16.18
CA ARG B 43 -2.14 -8.89 -17.28
C ARG B 43 -3.17 -10.01 -17.16
N LEU B 44 -3.59 -10.23 -15.92
CA LEU B 44 -4.32 -11.43 -15.53
C LEU B 44 -5.68 -11.46 -16.25
N VAL B 45 -6.34 -10.31 -16.25
CA VAL B 45 -7.67 -10.14 -16.83
C VAL B 45 -7.64 -10.24 -18.37
N ASP B 46 -6.54 -9.87 -19.02
CA ASP B 46 -6.43 -10.07 -20.48
C ASP B 46 -6.18 -11.53 -20.83
N HIS B 47 -5.50 -12.24 -19.94
CA HIS B 47 -5.29 -13.66 -20.13
C HIS B 47 -6.57 -14.40 -19.92
N ILE B 48 -7.46 -13.87 -19.07
CA ILE B 48 -8.74 -14.53 -18.87
C ILE B 48 -9.65 -14.32 -20.08
N LEU B 49 -9.78 -13.06 -20.48
CA LEU B 49 -10.63 -12.70 -21.62
C LEU B 49 -10.12 -13.29 -22.93
N ALA B 50 -8.87 -13.75 -22.98
CA ALA B 50 -8.33 -14.37 -24.20
C ALA B 50 -8.34 -15.92 -24.18
N GLY B 51 -9.13 -16.51 -23.28
CA GLY B 51 -9.46 -17.93 -23.33
C GLY B 51 -8.81 -18.84 -22.28
N ALA B 52 -8.26 -18.28 -21.22
CA ALA B 52 -7.64 -19.07 -20.16
C ALA B 52 -8.66 -19.29 -19.05
N ARG B 53 -8.99 -20.55 -18.81
CA ARG B 53 -10.16 -20.98 -18.04
C ARG B 53 -9.79 -21.67 -16.73
N THR B 54 -8.59 -22.22 -16.67
CA THR B 54 -8.11 -22.92 -15.47
C THR B 54 -7.02 -22.08 -14.84
N VAL B 55 -6.76 -22.35 -13.57
CA VAL B 55 -5.63 -21.73 -12.90
C VAL B 55 -4.36 -22.17 -13.64
N LYS B 56 -4.31 -23.44 -14.07
CA LYS B 56 -3.15 -23.98 -14.78
C LYS B 56 -2.82 -23.16 -16.01
N ALA B 57 -3.82 -22.87 -16.83
CA ALA B 57 -3.57 -22.11 -18.06
C ALA B 57 -3.14 -20.67 -17.78
N LEU B 58 -3.76 -20.03 -16.77
CA LEU B 58 -3.41 -18.68 -16.34
C LEU B 58 -2.01 -18.59 -15.76
N ALA B 59 -1.65 -19.61 -14.97
CA ALA B 59 -0.32 -19.74 -14.38
C ALA B 59 0.70 -19.93 -15.49
N ALA B 60 0.29 -20.60 -16.56
CA ALA B 60 1.17 -20.80 -17.69
C ALA B 60 1.36 -19.49 -18.46
N ARG B 61 0.30 -18.75 -18.72
CA ARG B 61 0.39 -17.51 -19.50
C ARG B 61 1.05 -16.37 -18.73
N THR B 62 0.83 -16.34 -17.41
CA THR B 62 1.41 -15.31 -16.55
C THR B 62 2.81 -15.68 -16.16
N ASP B 63 3.12 -16.96 -16.27
CA ASP B 63 4.42 -17.50 -15.86
C ASP B 63 4.58 -17.45 -14.36
N THR B 64 3.64 -18.06 -13.65
CA THR B 64 3.64 -18.11 -12.19
C THR B 64 3.44 -19.53 -11.70
N ARG B 65 3.70 -19.78 -10.42
CA ARG B 65 3.44 -21.11 -9.83
C ARG B 65 1.96 -21.25 -9.50
N PRO B 66 1.27 -22.23 -10.10
CA PRO B 66 -0.18 -22.42 -9.92
C PRO B 66 -0.75 -22.20 -8.52
N GLU B 67 -0.06 -22.72 -7.51
CA GLU B 67 -0.56 -22.70 -6.12
C GLU B 67 -0.51 -21.31 -5.51
N ALA B 68 0.52 -20.52 -5.84
CA ALA B 68 0.59 -19.12 -5.40
C ALA B 68 -0.37 -18.23 -6.19
N LEU B 69 -0.52 -18.48 -7.48
CA LEU B 69 -1.53 -17.79 -8.29
C LEU B 69 -2.96 -17.98 -7.77
N LEU B 70 -3.29 -19.17 -7.29
CA LEU B 70 -4.61 -19.41 -6.72
C LEU B 70 -4.84 -18.55 -5.46
N ARG B 71 -3.77 -18.33 -4.69
CA ARG B 71 -3.80 -17.51 -3.48
C ARG B 71 -4.05 -16.03 -3.77
N LEU B 72 -3.41 -15.52 -4.82
CA LEU B 72 -3.65 -14.17 -5.32
C LEU B 72 -5.07 -14.05 -5.80
N ILE B 73 -5.54 -15.09 -6.48
CA ILE B 73 -6.88 -15.10 -7.06
C ILE B 73 -7.90 -15.13 -5.93
N ARG B 74 -7.57 -15.81 -4.83
CA ARG B 74 -8.42 -15.89 -3.64
C ARG B 74 -8.76 -14.48 -3.18
N HIS B 75 -7.76 -13.64 -2.99
CA HIS B 75 -8.02 -12.28 -2.49
C HIS B 75 -8.66 -11.37 -3.51
N LEU B 76 -8.38 -11.56 -4.81
CA LEU B 76 -9.06 -10.83 -5.89
C LEU B 76 -10.57 -11.12 -5.92
N VAL B 77 -10.97 -12.30 -5.47
CA VAL B 77 -12.39 -12.63 -5.32
C VAL B 77 -12.96 -11.88 -4.11
N ALA B 78 -12.32 -11.99 -2.95
CA ALA B 78 -12.82 -11.30 -1.75
C ALA B 78 -13.02 -9.78 -1.93
N ILE B 79 -12.16 -9.13 -2.72
CA ILE B 79 -12.27 -7.69 -2.91
C ILE B 79 -13.21 -7.27 -4.06
N GLY B 80 -13.66 -8.23 -4.86
CA GLY B 80 -14.69 -8.00 -5.86
C GLY B 80 -14.20 -7.83 -7.29
N LEU B 81 -12.91 -8.03 -7.56
CA LEU B 81 -12.36 -7.90 -8.92
C LEU B 81 -12.48 -9.17 -9.77
N LEU B 82 -12.53 -10.32 -9.12
CA LEU B 82 -12.80 -11.59 -9.80
C LEU B 82 -13.90 -12.34 -9.08
N GLU B 83 -14.49 -13.30 -9.78
CA GLU B 83 -15.48 -14.23 -9.21
C GLU B 83 -15.47 -15.61 -9.91
N GLU B 84 -16.07 -16.60 -9.24
CA GLU B 84 -16.19 -17.96 -9.76
C GLU B 84 -17.47 -18.03 -10.57
N ASP B 85 -17.34 -18.30 -11.87
CA ASP B 85 -18.46 -18.52 -12.78
C ASP B 85 -18.81 -20.01 -12.77
N ALA B 86 -17.85 -20.83 -12.36
CA ALA B 86 -17.92 -22.29 -12.41
C ALA B 86 -16.70 -22.85 -11.68
N PRO B 87 -16.80 -24.04 -11.08
CA PRO B 87 -15.82 -24.47 -10.07
C PRO B 87 -14.35 -24.27 -10.48
N GLY B 88 -14.00 -24.58 -11.72
CA GLY B 88 -12.67 -24.31 -12.22
C GLY B 88 -12.38 -22.82 -12.39
N GLU B 89 -13.21 -22.15 -13.20
CA GLU B 89 -12.84 -20.87 -13.83
C GLU B 89 -13.23 -19.58 -13.12
N PHE B 90 -12.30 -18.62 -13.18
CA PHE B 90 -12.46 -17.32 -12.55
C PHE B 90 -12.58 -16.24 -13.60
N VAL B 91 -13.43 -15.26 -13.34
CA VAL B 91 -13.83 -14.31 -14.36
C VAL B 91 -14.00 -12.91 -13.77
N PRO B 92 -13.62 -11.88 -14.52
CA PRO B 92 -13.72 -10.49 -14.04
C PRO B 92 -15.14 -10.02 -13.74
N THR B 93 -15.29 -9.23 -12.67
CA THR B 93 -16.53 -8.56 -12.37
C THR B 93 -16.59 -7.29 -13.22
N GLU B 94 -17.68 -6.52 -13.05
CA GLU B 94 -17.82 -5.26 -13.77
C GLU B 94 -16.62 -4.35 -13.42
N VAL B 95 -16.18 -4.41 -12.17
CA VAL B 95 -15.06 -3.62 -11.70
C VAL B 95 -13.74 -4.22 -12.19
N GLY B 96 -13.61 -5.54 -12.13
CA GLY B 96 -12.42 -6.19 -12.65
C GLY B 96 -12.18 -5.98 -14.13
N GLU B 97 -13.24 -5.61 -14.86
CA GLU B 97 -13.18 -5.48 -16.32
C GLU B 97 -12.33 -4.31 -16.74
N LEU B 98 -12.16 -3.33 -15.84
CA LEU B 98 -11.36 -2.13 -16.10
C LEU B 98 -9.86 -2.40 -16.11
N LEU B 99 -9.49 -3.63 -15.77
CA LEU B 99 -8.09 -4.07 -15.79
C LEU B 99 -7.77 -4.73 -17.11
N ALA B 100 -8.75 -4.79 -18.00
CA ALA B 100 -8.51 -5.15 -19.40
C ALA B 100 -7.72 -4.03 -20.04
N ASP B 101 -6.77 -4.40 -20.88
CA ASP B 101 -5.75 -3.47 -21.34
C ASP B 101 -6.28 -2.41 -22.34
N ASP B 102 -7.37 -2.71 -23.04
CA ASP B 102 -7.93 -1.80 -24.04
C ASP B 102 -9.07 -0.93 -23.45
N HIS B 103 -9.29 -1.02 -22.14
CA HIS B 103 -10.27 -0.15 -21.48
C HIS B 103 -9.77 1.30 -21.59
N PRO B 104 -10.65 2.22 -21.96
CA PRO B 104 -10.26 3.63 -22.16
C PRO B 104 -9.77 4.36 -20.89
N ALA B 105 -10.12 3.93 -19.70
CA ALA B 105 -9.58 4.56 -18.47
C ALA B 105 -8.11 4.15 -18.17
N ALA B 106 -7.63 3.09 -18.83
CA ALA B 106 -6.21 2.71 -18.86
C ALA B 106 -5.62 2.26 -17.51
N GLN B 107 -6.47 1.77 -16.61
CA GLN B 107 -6.06 1.42 -15.23
C GLN B 107 -5.15 0.20 -15.08
N ARG B 108 -5.06 -0.65 -16.09
CA ARG B 108 -4.12 -1.77 -16.04
C ARG B 108 -2.73 -1.19 -16.10
N ALA B 109 -2.56 -0.25 -17.02
CA ALA B 109 -1.27 0.38 -17.27
C ALA B 109 -0.86 1.29 -16.13
N TRP B 110 -1.81 2.01 -15.55
CA TRP B 110 -1.54 2.87 -14.39
C TRP B 110 -1.15 2.08 -13.14
N HIS B 111 -1.58 0.81 -13.07
CA HIS B 111 -1.28 -0.05 -11.95
C HIS B 111 -0.21 -1.09 -12.25
N ASP B 112 0.48 -0.92 -13.38
CA ASP B 112 1.47 -1.88 -13.86
C ASP B 112 2.81 -1.55 -13.19
N LEU B 113 3.29 -2.45 -12.34
CA LEU B 113 4.54 -2.25 -11.61
C LEU B 113 5.76 -2.21 -12.55
N THR B 114 5.56 -2.62 -13.77
CA THR B 114 6.60 -2.65 -14.81
C THR B 114 6.69 -1.31 -15.59
N GLN B 115 5.67 -0.48 -15.44
CA GLN B 115 5.60 0.82 -16.09
C GLN B 115 5.79 1.94 -15.06
N ALA B 116 5.99 3.16 -15.56
CA ALA B 116 6.64 4.21 -14.80
C ALA B 116 5.94 4.66 -13.54
N VAL B 117 4.62 4.78 -13.58
CA VAL B 117 3.90 5.43 -12.48
C VAL B 117 3.69 4.52 -11.27
N ALA B 118 3.26 3.28 -11.50
CA ALA B 118 3.05 2.34 -10.40
C ALA B 118 4.39 1.95 -9.77
N ARG B 119 5.40 1.73 -10.61
CA ARG B 119 6.76 1.56 -10.15
C ARG B 119 7.16 2.77 -9.28
N ALA B 120 6.81 3.98 -9.72
CA ALA B 120 7.08 5.18 -8.94
C ALA B 120 6.37 5.20 -7.57
N ASP B 121 5.22 4.52 -7.48
CA ASP B 121 4.44 4.52 -6.24
C ASP B 121 5.09 3.82 -5.07
N ILE B 122 6.02 2.91 -5.36
CA ILE B 122 6.78 2.29 -4.29
C ILE B 122 7.38 3.39 -3.37
N SER B 123 7.64 4.57 -3.94
CA SER B 123 8.11 5.75 -3.18
C SER B 123 7.28 6.10 -1.96
N PHE B 124 5.98 5.87 -2.03
CA PHE B 124 5.12 6.00 -0.87
C PHE B 124 5.52 5.13 0.34
N THR B 125 6.20 4.00 0.12
CA THR B 125 6.73 3.18 1.24
C THR B 125 7.65 3.94 2.21
N ARG B 126 8.11 5.14 1.83
CA ARG B 126 8.97 5.96 2.70
C ARG B 126 8.39 7.35 2.89
N LEU B 127 7.07 7.41 2.93
CA LEU B 127 6.40 8.68 2.97
C LEU B 127 6.80 9.48 4.20
N PRO B 128 7.12 8.84 5.34
CA PRO B 128 7.51 9.59 6.52
C PRO B 128 8.73 10.49 6.29
N ASP B 129 9.72 10.02 5.55
CA ASP B 129 10.87 10.87 5.21
C ASP B 129 10.44 12.11 4.46
N ALA B 130 9.48 11.95 3.57
CA ALA B 130 9.04 13.08 2.74
C ALA B 130 8.32 14.08 3.61
N ILE B 131 7.57 13.61 4.60
CA ILE B 131 6.88 14.50 5.52
C ILE B 131 7.88 15.18 6.48
N ARG B 132 8.96 14.48 6.88
CA ARG B 132 10.01 15.09 7.70
C ARG B 132 10.86 16.12 6.95
N THR B 133 11.10 15.92 5.66
CA THR B 133 12.14 16.67 4.93
C THR B 133 11.61 17.53 3.80
N GLY B 134 10.38 17.27 3.37
CA GLY B 134 9.78 17.96 2.22
C GLY B 134 10.35 17.54 0.87
N ARG B 135 11.17 16.49 0.88
CA ARG B 135 11.99 16.10 -0.26
C ARG B 135 11.56 14.72 -0.78
N PRO B 136 11.71 14.49 -2.08
CA PRO B 136 11.23 13.27 -2.70
C PRO B 136 11.96 12.01 -2.24
N THR B 137 11.27 10.90 -2.41
CA THR B 137 11.65 9.60 -1.87
C THR B 137 12.17 8.66 -2.99
N TYR B 138 11.86 9.01 -4.24
CA TYR B 138 12.09 8.13 -5.38
C TYR B 138 13.57 7.77 -5.56
N GLU B 139 14.46 8.72 -5.27
CA GLU B 139 15.89 8.54 -5.47
C GLU B 139 16.47 7.55 -4.45
N SER B 140 15.99 7.59 -3.22
CA SER B 140 16.44 6.66 -2.20
C SER B 140 16.05 5.20 -2.52
N ILE B 141 15.04 5.03 -3.36
CA ILE B 141 14.58 3.71 -3.77
C ILE B 141 15.31 3.21 -5.02
N TYR B 142 15.39 4.08 -6.04
CA TYR B 142 15.76 3.65 -7.40
C TYR B 142 17.10 4.21 -7.91
N GLY B 143 17.77 5.00 -7.08
CA GLY B 143 19.16 5.38 -7.35
C GLY B 143 19.39 6.70 -8.06
N LYS B 144 18.46 7.13 -8.91
CA LYS B 144 18.52 8.48 -9.50
C LYS B 144 17.22 9.25 -9.24
N PRO B 145 17.20 10.58 -9.39
CA PRO B 145 15.93 11.33 -9.36
C PRO B 145 15.03 10.99 -10.55
N PHE B 146 13.75 11.32 -10.46
CA PHE B 146 12.69 10.82 -11.37
C PHE B 146 13.05 10.82 -12.86
N TYR B 147 13.32 11.99 -13.42
CA TYR B 147 13.57 12.12 -14.87
C TYR B 147 14.95 11.68 -15.35
N GLU B 148 15.94 11.62 -14.46
CA GLU B 148 17.22 10.99 -14.80
C GLU B 148 17.06 9.48 -14.95
N ASP B 149 16.22 8.89 -14.09
CA ASP B 149 15.92 7.46 -14.12
C ASP B 149 15.24 7.06 -15.44
N LEU B 150 14.16 7.77 -15.80
CA LEU B 150 13.50 7.58 -17.09
C LEU B 150 14.48 7.77 -18.26
N ALA B 151 15.43 8.71 -18.12
CA ALA B 151 16.39 8.99 -19.19
C ALA B 151 17.31 7.79 -19.46
N GLY B 152 17.70 7.08 -18.39
CA GLY B 152 18.52 5.89 -18.49
C GLY B 152 17.73 4.59 -18.64
N ARG B 153 16.43 4.71 -18.90
CA ARG B 153 15.54 3.58 -18.93
C ARG B 153 14.45 3.78 -19.99
N PRO B 154 14.83 3.54 -21.25
CA PRO B 154 13.92 3.77 -22.38
C PRO B 154 12.50 3.24 -22.24
N ASP B 155 12.31 2.08 -21.61
CA ASP B 155 10.96 1.50 -21.42
C ASP B 155 10.07 2.32 -20.46
N LEU B 156 10.68 2.80 -19.38
CA LEU B 156 10.00 3.65 -18.41
C LEU B 156 9.70 5.03 -19.00
N ARG B 157 10.65 5.59 -19.74
CA ARG B 157 10.45 6.84 -20.48
C ARG B 157 9.19 6.75 -21.36
N ALA B 158 9.13 5.72 -22.20
CA ALA B 158 7.99 5.49 -23.09
C ALA B 158 6.68 5.16 -22.38
N SER B 159 6.74 4.49 -21.23
CA SER B 159 5.47 4.13 -20.57
C SER B 159 4.92 5.32 -19.80
N PHE B 160 5.79 6.21 -19.35
CA PHE B 160 5.35 7.45 -18.72
C PHE B 160 4.70 8.35 -19.75
N ASP B 161 5.40 8.57 -20.86
CA ASP B 161 4.88 9.37 -21.95
C ASP B 161 3.53 8.85 -22.43
N SER B 162 3.37 7.53 -22.53
CA SER B 162 2.15 6.95 -23.12
C SER B 162 0.99 6.98 -22.14
N LEU B 163 1.27 6.96 -20.84
CA LEU B 163 0.24 7.12 -19.81
C LEU B 163 -0.27 8.56 -19.79
N LEU B 164 0.62 9.54 -19.84
CA LEU B 164 0.19 10.93 -19.81
C LEU B 164 -0.57 11.32 -21.06
N ALA B 165 -0.15 10.82 -22.21
CA ALA B 165 -0.77 11.14 -23.50
C ALA B 165 -2.01 10.26 -23.84
N CYS B 166 -2.38 9.40 -22.91
CA CYS B 166 -3.69 8.72 -22.84
C CYS B 166 -4.75 9.15 -23.87
N ASP B 167 -5.40 10.29 -23.62
CA ASP B 167 -6.48 10.78 -24.46
C ASP B 167 -6.03 12.01 -25.22
N GLN B 168 -4.74 12.11 -25.53
CA GLN B 168 -4.21 13.35 -26.07
C GLN B 168 -4.87 13.80 -27.37
N ASP B 169 -5.59 12.90 -28.05
CA ASP B 169 -6.38 13.30 -29.23
C ASP B 169 -7.51 14.30 -28.87
N VAL B 170 -7.97 14.25 -27.61
CA VAL B 170 -9.17 14.93 -27.14
C VAL B 170 -8.95 15.83 -25.90
N ALA B 171 -7.99 15.49 -25.04
CA ALA B 171 -7.90 16.12 -23.71
C ALA B 171 -7.42 17.56 -23.73
N PHE B 172 -6.84 17.97 -24.86
CA PHE B 172 -6.26 19.28 -25.02
C PHE B 172 -7.18 20.21 -25.81
N ASP B 173 -8.32 19.69 -26.23
CA ASP B 173 -9.25 20.42 -27.09
C ASP B 173 -9.82 21.63 -26.37
N ALA B 174 -10.11 21.47 -25.07
CA ALA B 174 -10.64 22.54 -24.23
C ALA B 174 -9.63 23.67 -23.95
N PRO B 175 -8.43 23.33 -23.47
CA PRO B 175 -7.37 24.33 -23.28
C PRO B 175 -6.96 25.05 -24.56
N ALA B 176 -7.00 24.39 -25.71
CA ALA B 176 -6.70 25.05 -26.96
C ALA B 176 -7.77 26.09 -27.28
N ALA B 177 -9.03 25.82 -26.90
CA ALA B 177 -10.12 26.76 -27.11
C ALA B 177 -10.19 27.88 -26.07
N ALA B 178 -9.45 27.74 -24.96
CA ALA B 178 -9.43 28.77 -23.90
C ALA B 178 -8.48 29.93 -24.16
N TYR B 179 -8.02 30.08 -25.40
CA TYR B 179 -7.19 31.20 -25.79
C TYR B 179 -7.48 31.60 -27.23
N ASP B 180 -7.54 32.88 -27.47
CA ASP B 180 -7.71 33.42 -28.81
C ASP B 180 -6.35 33.44 -29.48
N TRP B 181 -6.22 32.72 -30.60
CA TRP B 181 -4.92 32.57 -31.27
C TRP B 181 -4.70 33.56 -32.40
N THR B 182 -5.56 34.57 -32.50
CA THR B 182 -5.54 35.54 -33.62
C THR B 182 -4.19 36.24 -33.80
N ASN B 183 -3.71 36.89 -32.74
CA ASN B 183 -2.45 37.64 -32.78
C ASN B 183 -1.23 36.79 -32.38
N VAL B 184 -1.29 35.49 -32.66
CA VAL B 184 -0.25 34.55 -32.25
C VAL B 184 0.37 33.96 -33.49
N ARG B 185 1.66 34.26 -33.72
CA ARG B 185 2.40 33.64 -34.83
C ARG B 185 2.97 32.28 -34.40
N HIS B 186 3.79 32.29 -33.35
CA HIS B 186 4.43 31.08 -32.88
C HIS B 186 4.06 30.73 -31.42
N VAL B 187 3.83 29.45 -31.18
CA VAL B 187 3.58 28.92 -29.85
C VAL B 187 4.73 27.96 -29.51
N LEU B 188 5.29 28.09 -28.31
CA LEU B 188 6.29 27.20 -27.80
C LEU B 188 5.65 26.41 -26.66
N ASP B 189 5.58 25.10 -26.75
CA ASP B 189 5.06 24.29 -25.64
C ASP B 189 6.21 23.67 -24.84
N VAL B 190 6.45 24.23 -23.66
CA VAL B 190 7.60 23.85 -22.87
C VAL B 190 7.28 22.56 -22.08
N GLY B 191 8.00 21.49 -22.38
CA GLY B 191 7.70 20.18 -21.82
C GLY B 191 6.35 19.64 -22.27
N GLY B 192 6.10 19.70 -23.59
CA GLY B 192 4.79 19.45 -24.15
C GLY B 192 4.41 18.02 -24.51
N GLY B 193 5.02 17.03 -23.87
CA GLY B 193 4.63 15.64 -24.05
C GLY B 193 4.89 15.12 -25.45
N LYS B 194 3.92 14.35 -25.98
CA LYS B 194 3.99 13.85 -27.35
C LYS B 194 3.40 14.84 -28.35
N GLY B 195 3.23 16.09 -27.95
CA GLY B 195 2.82 17.13 -28.87
C GLY B 195 1.32 17.26 -29.04
N GLY B 196 0.55 16.71 -28.11
CA GLY B 196 -0.91 16.74 -28.17
C GLY B 196 -1.55 18.12 -28.02
N PHE B 197 -0.98 18.98 -27.19
CA PHE B 197 -1.50 20.33 -27.00
C PHE B 197 -1.15 21.18 -28.22
N ALA B 198 0.09 21.04 -28.69
CA ALA B 198 0.51 21.71 -29.93
C ALA B 198 -0.35 21.28 -31.11
N ALA B 199 -0.79 20.02 -31.11
CA ALA B 199 -1.65 19.53 -32.17
C ALA B 199 -3.04 20.15 -32.09
N ALA B 200 -3.64 20.22 -30.91
CA ALA B 200 -4.98 20.79 -30.79
C ALA B 200 -5.00 22.27 -31.19
N ILE B 201 -3.94 22.99 -30.86
CA ILE B 201 -3.84 24.39 -31.24
C ILE B 201 -3.70 24.53 -32.76
N ALA B 202 -2.90 23.67 -33.36
CA ALA B 202 -2.58 23.75 -34.77
C ALA B 202 -3.76 23.48 -35.69
N ARG B 203 -4.70 22.60 -35.32
CA ARG B 203 -5.83 22.33 -36.23
C ARG B 203 -7.02 23.27 -35.95
N ARG B 204 -6.91 23.98 -34.84
CA ARG B 204 -7.83 25.05 -34.46
C ARG B 204 -7.46 26.40 -35.12
N ALA B 205 -6.16 26.59 -35.37
CA ALA B 205 -5.62 27.90 -35.75
C ALA B 205 -4.66 27.68 -36.91
N PRO B 206 -5.18 27.72 -38.14
CA PRO B 206 -4.39 27.30 -39.30
C PRO B 206 -3.16 28.17 -39.54
N HIS B 207 -3.17 29.41 -39.09
CA HIS B 207 -2.06 30.33 -39.34
C HIS B 207 -0.81 30.10 -38.47
N VAL B 208 -0.99 29.38 -37.36
CA VAL B 208 0.05 29.25 -36.32
C VAL B 208 1.08 28.15 -36.60
N SER B 209 2.34 28.42 -36.29
CA SER B 209 3.35 27.37 -36.18
C SER B 209 3.72 27.17 -34.71
N ALA B 210 4.11 25.96 -34.34
CA ALA B 210 4.54 25.69 -32.96
C ALA B 210 5.81 24.85 -32.88
N THR B 211 6.51 24.95 -31.76
CA THR B 211 7.65 24.10 -31.45
C THR B 211 7.38 23.42 -30.11
N VAL B 212 7.51 22.10 -30.04
CA VAL B 212 7.46 21.39 -28.77
C VAL B 212 8.87 21.20 -28.27
N LEU B 213 9.11 21.62 -27.03
CA LEU B 213 10.38 21.39 -26.33
C LEU B 213 10.21 20.21 -25.38
N GLU B 214 11.10 19.22 -25.46
CA GLU B 214 11.03 17.98 -24.68
C GLU B 214 12.40 17.28 -24.50
N MET B 215 12.43 16.24 -23.68
CA MET B 215 13.65 15.50 -23.36
C MET B 215 13.89 14.41 -24.38
N ALA B 216 15.09 13.85 -24.34
CA ALA B 216 15.44 12.69 -25.17
C ALA B 216 14.41 11.59 -24.97
N GLY B 217 14.13 10.88 -26.05
CA GLY B 217 13.11 9.83 -26.10
C GLY B 217 11.73 10.37 -26.46
N THR B 218 11.21 11.23 -25.59
CA THR B 218 9.91 11.84 -25.78
C THR B 218 9.84 12.59 -27.10
N VAL B 219 10.94 13.22 -27.50
CA VAL B 219 10.98 13.94 -28.77
C VAL B 219 10.74 13.04 -30.00
N ASP B 220 11.27 11.81 -30.00
CA ASP B 220 11.06 10.89 -31.14
C ASP B 220 9.59 10.51 -31.21
N THR B 221 8.98 10.39 -30.04
CA THR B 221 7.61 9.94 -29.89
C THR B 221 6.66 11.08 -30.24
N ALA B 222 7.02 12.29 -29.86
CA ALA B 222 6.28 13.48 -30.25
C ALA B 222 6.36 13.68 -31.75
N ARG B 223 7.52 13.43 -32.33
CA ARG B 223 7.73 13.60 -33.77
C ARG B 223 6.85 12.67 -34.59
N SER B 224 6.81 11.39 -34.24
CA SER B 224 6.03 10.45 -35.05
C SER B 224 4.52 10.60 -34.84
N TYR B 225 4.10 11.03 -33.66
CA TYR B 225 2.70 11.38 -33.45
C TYR B 225 2.29 12.60 -34.30
N LEU B 226 3.13 13.62 -34.32
CA LEU B 226 2.83 14.87 -35.05
C LEU B 226 2.84 14.59 -36.56
N LYS B 227 3.75 13.72 -36.99
CA LYS B 227 3.85 13.27 -38.38
C LYS B 227 2.53 12.62 -38.78
N ASP B 228 2.06 11.72 -37.93
CA ASP B 228 0.87 10.91 -38.18
C ASP B 228 -0.45 11.67 -38.12
N GLU B 229 -0.42 12.86 -37.51
CA GLU B 229 -1.56 13.76 -37.48
C GLU B 229 -1.56 14.64 -38.74
N GLY B 230 -0.48 14.54 -39.51
CA GLY B 230 -0.32 15.31 -40.71
C GLY B 230 0.10 16.73 -40.43
N LEU B 231 0.74 16.96 -39.27
CA LEU B 231 1.02 18.32 -38.80
C LEU B 231 2.48 18.71 -38.74
N SER B 232 3.39 17.86 -39.21
CA SER B 232 4.84 18.08 -39.04
C SER B 232 5.41 19.27 -39.81
N ASP B 233 4.77 19.62 -40.92
CA ASP B 233 5.06 20.86 -41.63
C ASP B 233 4.71 22.12 -40.81
N ARG B 234 3.85 21.95 -39.80
CA ARG B 234 3.41 23.07 -38.96
C ARG B 234 3.95 23.09 -37.53
N VAL B 235 4.50 21.97 -37.06
CA VAL B 235 4.93 21.82 -35.68
C VAL B 235 6.31 21.13 -35.58
N ASP B 236 7.33 21.86 -35.17
CA ASP B 236 8.64 21.26 -34.91
C ASP B 236 8.74 20.73 -33.50
N VAL B 237 9.75 19.88 -33.31
CA VAL B 237 10.12 19.32 -32.01
C VAL B 237 11.63 19.50 -31.82
N VAL B 238 12.03 19.81 -30.60
CA VAL B 238 13.40 20.21 -30.29
C VAL B 238 13.76 19.65 -28.95
N GLU B 239 14.73 18.74 -28.94
CA GLU B 239 15.33 18.21 -27.73
C GLU B 239 16.10 19.30 -27.01
N GLY B 240 15.80 19.46 -25.71
CA GLY B 240 16.49 20.39 -24.85
C GLY B 240 16.10 20.36 -23.36
N ASP B 241 16.52 21.41 -22.67
CA ASP B 241 16.40 21.52 -21.23
C ASP B 241 15.79 22.91 -20.95
N PHE B 242 14.59 22.95 -20.34
CA PHE B 242 13.88 24.22 -20.09
C PHE B 242 14.42 25.00 -18.88
N PHE B 243 15.44 24.45 -18.23
CA PHE B 243 16.23 25.21 -17.28
C PHE B 243 17.27 26.11 -17.97
N GLU B 244 17.48 25.90 -19.28
CA GLU B 244 18.47 26.60 -20.09
C GLU B 244 17.72 27.56 -21.02
N PRO B 245 18.40 28.50 -21.71
CA PRO B 245 17.68 29.40 -22.62
C PRO B 245 16.85 28.62 -23.63
N LEU B 246 15.69 29.14 -23.98
CA LEU B 246 14.74 28.38 -24.76
C LEU B 246 15.12 28.46 -26.24
N PRO B 247 14.77 27.45 -27.02
CA PRO B 247 15.24 27.33 -28.40
C PRO B 247 14.97 28.54 -29.27
N ARG B 248 13.98 29.32 -28.89
CA ARG B 248 13.30 30.23 -29.79
C ARG B 248 12.43 31.19 -28.99
N LYS B 249 12.32 32.44 -29.44
CA LYS B 249 11.33 33.35 -28.89
C LYS B 249 9.93 32.90 -29.36
N ALA B 250 8.85 33.34 -28.69
CA ALA B 250 7.47 33.01 -29.09
C ALA B 250 6.42 34.00 -28.57
N ASP B 251 5.24 34.02 -29.22
CA ASP B 251 4.12 34.90 -28.81
C ASP B 251 3.26 34.30 -27.71
N ALA B 252 3.16 32.98 -27.68
CA ALA B 252 2.52 32.26 -26.58
C ALA B 252 3.43 31.13 -26.15
N ILE B 253 3.59 30.98 -24.84
CA ILE B 253 4.47 29.94 -24.30
C ILE B 253 3.66 29.14 -23.24
N ILE B 254 3.51 27.84 -23.51
CA ILE B 254 2.67 26.91 -22.77
C ILE B 254 3.47 26.13 -21.73
N LEU B 255 2.83 25.86 -20.59
CA LEU B 255 3.39 25.05 -19.51
C LEU B 255 2.25 24.21 -18.99
N SER B 256 2.11 23.03 -19.56
CA SER B 256 0.98 22.18 -19.29
C SER B 256 1.43 21.02 -18.41
N PHE B 257 1.00 21.06 -17.15
CA PHE B 257 1.30 20.01 -16.17
C PHE B 257 2.80 19.77 -16.08
N VAL B 258 3.53 20.87 -15.96
CA VAL B 258 4.97 20.87 -15.77
C VAL B 258 5.28 21.41 -14.37
N LEU B 259 4.79 22.59 -14.04
CA LEU B 259 5.23 23.28 -12.82
C LEU B 259 4.98 22.46 -11.55
N LEU B 260 3.85 21.76 -11.48
CA LEU B 260 3.58 20.85 -10.35
C LEU B 260 4.69 19.83 -10.07
N ASN B 261 5.46 19.44 -11.10
CA ASN B 261 6.67 18.61 -10.89
C ASN B 261 7.82 19.28 -10.12
N TRP B 262 7.77 20.57 -9.84
CA TRP B 262 8.95 21.29 -9.34
C TRP B 262 8.71 22.09 -8.05
N PRO B 263 9.70 22.11 -7.15
CA PRO B 263 9.66 23.00 -5.99
C PRO B 263 9.69 24.45 -6.47
N ASP B 264 9.18 25.34 -5.64
CA ASP B 264 9.18 26.79 -5.90
C ASP B 264 10.37 27.31 -6.72
N HIS B 265 11.60 26.98 -6.30
CA HIS B 265 12.78 27.65 -6.85
C HIS B 265 13.05 27.16 -8.25
N ASP B 266 12.83 25.88 -8.51
CA ASP B 266 12.96 25.36 -9.87
C ASP B 266 11.86 25.91 -10.84
N ALA B 267 10.63 26.10 -10.35
CA ALA B 267 9.52 26.53 -11.18
C ALA B 267 9.62 28.00 -11.52
N VAL B 268 10.26 28.76 -10.63
CA VAL B 268 10.60 30.15 -10.88
C VAL B 268 11.68 30.22 -11.97
N ARG B 269 12.63 29.29 -11.97
CA ARG B 269 13.70 29.29 -12.97
C ARG B 269 13.11 29.02 -14.34
N ILE B 270 12.25 28.00 -14.40
CA ILE B 270 11.49 27.64 -15.61
C ILE B 270 10.64 28.83 -16.08
N LEU B 271 9.99 29.52 -15.16
CA LEU B 271 9.10 30.62 -15.54
C LEU B 271 9.86 31.83 -16.07
N THR B 272 11.07 32.01 -15.56
CA THR B 272 11.99 33.07 -15.98
C THR B 272 12.49 32.80 -17.39
N ARG B 273 12.82 31.54 -17.65
CA ARG B 273 13.27 31.12 -18.98
C ARG B 273 12.16 31.39 -20.02
N CYS B 274 10.91 31.17 -19.62
CA CYS B 274 9.74 31.43 -20.46
C CYS B 274 9.57 32.95 -20.69
N ALA B 275 9.77 33.71 -19.63
CA ALA B 275 9.68 35.16 -19.71
C ALA B 275 10.78 35.76 -20.60
N GLU B 276 11.95 35.11 -20.66
CA GLU B 276 13.09 35.63 -21.43
C GLU B 276 12.92 35.38 -22.92
N ALA B 277 12.15 34.35 -23.26
CA ALA B 277 11.88 33.97 -24.63
C ALA B 277 10.61 34.63 -25.18
N LEU B 278 9.94 35.43 -24.36
CA LEU B 278 8.64 35.99 -24.68
C LEU B 278 8.67 37.30 -25.50
N GLU B 279 7.98 37.28 -26.65
CA GLU B 279 7.83 38.46 -27.52
C GLU B 279 6.97 39.51 -26.82
N PRO B 280 7.14 40.78 -27.21
CA PRO B 280 6.25 41.87 -26.73
C PRO B 280 4.77 41.52 -26.92
N GLY B 281 3.96 41.72 -25.88
CA GLY B 281 2.53 41.46 -25.94
C GLY B 281 2.14 39.98 -25.90
N GLY B 282 3.13 39.12 -25.69
CA GLY B 282 2.91 37.69 -25.61
C GLY B 282 2.53 37.28 -24.20
N ARG B 283 2.05 36.05 -24.05
CA ARG B 283 1.59 35.57 -22.75
C ARG B 283 2.09 34.15 -22.47
N ILE B 284 2.29 33.88 -21.18
CA ILE B 284 2.65 32.55 -20.73
C ILE B 284 1.37 31.89 -20.24
N LEU B 285 1.07 30.71 -20.76
CA LEU B 285 -0.15 29.97 -20.42
C LEU B 285 0.18 28.71 -19.62
N ILE B 286 -0.22 28.71 -18.35
CA ILE B 286 -0.08 27.54 -17.48
C ILE B 286 -1.38 26.77 -17.55
N HIS B 287 -1.32 25.53 -18.02
CA HIS B 287 -2.46 24.63 -17.96
C HIS B 287 -2.25 23.73 -16.75
N GLU B 288 -3.08 23.88 -15.74
CA GLU B 288 -2.95 23.02 -14.57
C GLU B 288 -4.21 23.01 -13.71
N ARG B 289 -4.04 23.06 -12.39
CA ARG B 289 -5.13 23.21 -11.45
C ARG B 289 -4.84 24.40 -10.56
N ASP B 290 -5.91 24.91 -9.97
CA ASP B 290 -5.90 26.19 -9.31
C ASP B 290 -6.77 26.13 -8.05
N ASP B 291 -6.95 24.92 -7.50
CA ASP B 291 -8.01 24.65 -6.52
C ASP B 291 -7.91 25.58 -5.32
N LEU B 292 -9.07 26.01 -4.82
CA LEU B 292 -9.15 26.67 -3.53
C LEU B 292 -8.76 25.65 -2.45
N HIS B 293 -8.01 26.10 -1.47
CA HIS B 293 -7.61 25.25 -0.36
C HIS B 293 -8.83 24.63 0.28
N GLU B 294 -9.89 25.42 0.43
CA GLU B 294 -11.15 24.93 1.02
C GLU B 294 -11.76 23.69 0.31
N ASN B 295 -11.50 23.50 -0.98
CA ASN B 295 -11.98 22.32 -1.75
C ASN B 295 -10.89 21.24 -2.06
N SER B 296 -9.86 21.18 -1.22
CA SER B 296 -8.69 20.35 -1.49
C SER B 296 -8.59 19.11 -0.60
N PHE B 297 -9.62 18.85 0.20
CA PHE B 297 -9.59 17.76 1.16
C PHE B 297 -10.28 16.52 0.62
N ASN B 298 -9.84 16.09 -0.54
CA ASN B 298 -10.41 14.92 -1.20
C ASN B 298 -9.32 14.15 -1.96
N GLU B 299 -9.61 12.91 -2.31
CA GLU B 299 -8.59 12.00 -2.83
C GLU B 299 -8.19 12.41 -4.24
N GLN B 300 -9.08 13.12 -4.91
CA GLN B 300 -8.83 13.49 -6.30
C GLN B 300 -7.90 14.72 -6.38
N PHE B 301 -7.57 15.33 -5.23
CA PHE B 301 -6.50 16.34 -5.15
C PHE B 301 -5.20 15.78 -4.53
N THR B 302 -5.34 15.01 -3.45
CA THR B 302 -4.19 14.52 -2.70
C THR B 302 -3.42 13.44 -3.40
N GLU B 303 -4.05 12.73 -4.33
CA GLU B 303 -3.38 11.66 -5.06
C GLU B 303 -2.29 12.23 -5.97
N LEU B 304 -2.66 13.20 -6.79
CA LEU B 304 -1.70 13.91 -7.62
C LEU B 304 -0.71 14.71 -6.75
N ASP B 305 -1.21 15.35 -5.70
CA ASP B 305 -0.35 16.23 -4.92
C ASP B 305 0.74 15.50 -4.15
N LEU B 306 0.43 14.35 -3.56
CA LEU B 306 1.37 13.55 -2.79
C LEU B 306 2.28 12.72 -3.71
N ARG B 307 1.78 12.24 -4.85
CA ARG B 307 2.65 11.69 -5.91
C ARG B 307 3.70 12.73 -6.26
N MET B 308 3.30 13.99 -6.37
CA MET B 308 4.24 15.04 -6.72
C MET B 308 5.28 15.25 -5.61
N LEU B 309 4.86 15.25 -4.35
CA LEU B 309 5.80 15.31 -3.21
C LEU B 309 6.86 14.20 -3.25
N VAL B 310 6.40 12.98 -3.43
CA VAL B 310 7.20 11.80 -3.17
C VAL B 310 7.99 11.39 -4.43
N PHE B 311 7.47 11.66 -5.63
CA PHE B 311 8.19 11.33 -6.87
C PHE B 311 9.29 12.36 -7.14
N LEU B 312 8.97 13.64 -6.90
CA LEU B 312 9.68 14.79 -7.50
C LEU B 312 9.93 16.00 -6.60
N GLY B 313 9.30 16.06 -5.43
CA GLY B 313 9.42 17.23 -4.57
C GLY B 313 8.54 18.39 -5.01
N GLY B 314 7.56 18.10 -5.85
CA GLY B 314 6.62 19.09 -6.34
C GLY B 314 5.38 19.21 -5.51
N ALA B 315 4.43 19.97 -6.04
CA ALA B 315 3.16 20.21 -5.38
C ALA B 315 2.10 20.77 -6.32
N LEU B 316 0.85 20.44 -6.05
CA LEU B 316 -0.28 21.24 -6.52
C LEU B 316 -0.27 22.55 -5.73
N ARG B 317 -0.62 23.62 -6.43
CA ARG B 317 -0.54 24.96 -5.90
C ARG B 317 -1.92 25.52 -5.89
N THR B 318 -2.36 25.91 -4.70
CA THR B 318 -3.71 26.45 -4.51
C THR B 318 -3.85 27.89 -5.02
N ARG B 319 -5.08 28.40 -5.02
CA ARG B 319 -5.39 29.69 -5.65
C ARG B 319 -4.39 30.84 -5.34
N GLU B 320 -4.07 31.05 -4.05
CA GLU B 320 -3.25 32.19 -3.61
C GLU B 320 -1.77 32.03 -3.94
N LYS B 321 -1.33 30.79 -4.13
CA LYS B 321 0.08 30.48 -4.26
C LYS B 321 0.70 30.93 -5.58
N TRP B 322 -0.15 31.10 -6.60
CA TRP B 322 0.35 31.41 -7.93
C TRP B 322 0.82 32.86 -8.06
N ASP B 323 0.10 33.80 -7.46
CA ASP B 323 0.52 35.20 -7.47
C ASP B 323 1.96 35.40 -6.99
N GLY B 324 2.38 34.63 -5.99
CA GLY B 324 3.73 34.72 -5.44
C GLY B 324 4.79 34.04 -6.30
N LEU B 325 4.41 32.94 -6.93
CA LEU B 325 5.31 32.25 -7.86
C LEU B 325 5.58 33.12 -9.08
N ALA B 326 4.51 33.68 -9.64
CA ALA B 326 4.60 34.54 -10.82
C ALA B 326 5.45 35.78 -10.57
N ALA B 327 5.19 36.47 -9.46
CA ALA B 327 5.90 37.70 -9.11
C ALA B 327 7.39 37.46 -9.00
N SER B 328 7.75 36.31 -8.44
CA SER B 328 9.14 35.92 -8.23
C SER B 328 9.88 35.69 -9.57
N ALA B 329 9.12 35.35 -10.62
CA ALA B 329 9.65 35.28 -12.00
C ALA B 329 9.51 36.60 -12.80
N GLY B 330 9.14 37.69 -12.13
CA GLY B 330 8.86 38.94 -12.78
C GLY B 330 7.64 38.90 -13.70
N LEU B 331 6.61 38.15 -13.30
CA LEU B 331 5.39 38.07 -14.06
C LEU B 331 4.22 38.41 -13.18
N VAL B 332 3.04 38.46 -13.78
CA VAL B 332 1.79 38.72 -13.06
C VAL B 332 0.67 37.84 -13.66
N VAL B 333 -0.25 37.39 -12.83
CA VAL B 333 -1.41 36.65 -13.30
C VAL B 333 -2.51 37.63 -13.75
N GLU B 334 -2.67 37.86 -15.05
CA GLU B 334 -3.76 38.71 -15.55
C GLU B 334 -5.13 38.14 -15.19
N GLU B 335 -5.27 36.84 -15.40
CA GLU B 335 -6.53 36.13 -15.18
C GLU B 335 -6.35 34.62 -15.27
N VAL B 336 -7.38 33.91 -14.80
CA VAL B 336 -7.44 32.47 -14.88
C VAL B 336 -8.74 32.09 -15.58
N ARG B 337 -8.67 31.21 -16.56
CA ARG B 337 -9.84 30.73 -17.27
C ARG B 337 -10.09 29.29 -16.84
N GLN B 338 -11.29 29.01 -16.34
CA GLN B 338 -11.61 27.66 -15.87
C GLN B 338 -11.95 26.75 -17.06
N LEU B 339 -11.68 25.47 -16.90
CA LEU B 339 -12.05 24.45 -17.90
C LEU B 339 -12.90 23.39 -17.17
N PRO B 340 -14.17 23.71 -16.96
CA PRO B 340 -15.06 22.77 -16.27
C PRO B 340 -15.29 21.56 -17.15
N SER B 341 -15.65 20.47 -16.51
CA SER B 341 -15.87 19.21 -17.22
C SER B 341 -16.68 18.25 -16.33
N PRO B 342 -17.49 17.41 -16.98
CA PRO B 342 -18.44 16.54 -16.28
C PRO B 342 -17.76 15.29 -15.68
N THR B 343 -16.58 14.94 -16.18
CA THR B 343 -15.84 13.75 -15.78
C THR B 343 -15.09 13.91 -14.44
N ILE B 344 -14.88 15.14 -13.99
CA ILE B 344 -14.07 15.38 -12.79
C ILE B 344 -14.70 16.44 -11.88
N PRO B 345 -14.69 16.20 -10.58
CA PRO B 345 -15.31 17.14 -9.62
C PRO B 345 -14.61 18.49 -9.53
N TYR B 346 -13.38 18.57 -10.04
CA TYR B 346 -12.55 19.77 -9.95
C TYR B 346 -12.37 20.37 -11.34
N ASP B 347 -11.84 21.59 -11.38
CA ASP B 347 -11.68 22.39 -12.59
C ASP B 347 -10.21 22.39 -12.97
N LEU B 348 -9.92 22.13 -14.24
CA LEU B 348 -8.60 22.48 -14.74
C LEU B 348 -8.64 23.97 -15.04
N SER B 349 -7.48 24.60 -15.06
CA SER B 349 -7.41 26.01 -15.39
C SER B 349 -6.30 26.28 -16.36
N LEU B 350 -6.40 27.46 -16.95
CA LEU B 350 -5.42 27.99 -17.87
C LEU B 350 -5.11 29.35 -17.30
N LEU B 351 -3.99 29.48 -16.59
CA LEU B 351 -3.58 30.77 -16.07
C LEU B 351 -2.82 31.53 -17.14
N VAL B 352 -3.22 32.78 -17.41
CA VAL B 352 -2.50 33.62 -18.35
C VAL B 352 -1.61 34.63 -17.62
N LEU B 353 -0.31 34.60 -17.95
CA LEU B 353 0.71 35.40 -17.27
C LEU B 353 1.32 36.40 -18.25
N ALA B 354 1.43 37.66 -17.83
CA ALA B 354 2.16 38.71 -18.57
C ALA B 354 3.33 39.19 -17.70
N PRO B 355 4.27 39.95 -18.28
CA PRO B 355 5.30 40.64 -17.48
C PRO B 355 4.73 41.61 -16.43
N ALA B 356 5.47 41.80 -15.34
CA ALA B 356 5.04 42.63 -14.20
C ALA B 356 4.70 44.08 -14.53
N ALA B 357 5.44 44.71 -15.47
CA ALA B 357 5.07 46.06 -15.96
C ALA B 357 5.59 46.33 -17.38
N SAH C . 1.91 -19.03 20.37
CA SAH C . 2.14 -17.63 20.05
CB SAH C . 2.76 -17.62 18.66
CG SAH C . 3.81 -16.55 18.54
SD SAH C . 4.28 -16.56 16.94
C SAH C . 0.83 -16.92 19.97
O SAH C . -0.13 -17.54 19.53
OXT SAH C . 0.69 -15.74 20.30
C5' SAH C . 5.18 -17.88 16.46
C4' SAH C . 6.35 -18.14 17.41
O4' SAH C . 7.13 -19.32 17.17
C3' SAH C . 7.33 -16.99 17.55
O3' SAH C . 7.17 -16.45 18.84
C2' SAH C . 8.72 -17.57 17.45
O2' SAH C . 9.56 -17.25 18.54
C1' SAH C . 8.52 -19.08 17.35
N9 SAH C . 9.47 -19.84 16.51
C8 SAH C . 9.83 -19.68 15.22
N7 SAH C . 10.76 -20.60 14.89
C5 SAH C . 11.01 -21.35 15.98
C6 SAH C . 11.89 -22.51 16.26
N6 SAH C . 12.67 -23.02 15.30
N1 SAH C . 11.82 -23.00 17.49
C2 SAH C . 11.00 -22.51 18.60
N3 SAH C . 10.17 -21.37 18.22
C4 SAH C . 10.21 -20.86 16.96
O11 ERT D . -0.73 -9.63 10.98
C11 ERT D . -0.92 -10.63 11.69
C18 ERT D . 0.11 -11.55 11.87
C17 ERT D . -0.17 -12.73 12.69
C6 ERT D . -1.43 -12.89 13.26
O6 ERT D . -1.69 -13.95 14.02
C5 ERT D . 0.91 -13.71 12.93
O5 ERT D . 0.70 -14.74 13.63
C16 ERT D . 2.24 -13.45 12.28
C4 ERT D . 3.29 -14.34 12.44
O4 ERT D . 3.12 -15.46 13.12
C40 ERT D . 3.63 -15.80 14.39
C3 ERT D . 4.51 -14.08 11.84
C2 ERT D . 4.68 -12.95 11.06
C15 ERT D . 2.42 -12.31 11.51
C1 ERT D . 3.64 -12.06 10.90
C12 ERT D . 1.39 -11.39 11.31
O12 ERT D . 1.67 -10.40 10.59
C19 ERT D . -2.17 -10.80 12.28
C10 ERT D . -3.29 -9.87 11.96
C21 ERT D . -3.53 -9.57 10.46
O13 ERT D . -4.17 -10.61 9.73
O10 ERT D . -3.18 -8.37 9.75
C22 ERT D . -3.32 -8.49 8.34
C20 ERT D . -2.43 -11.96 13.03
C7 ERT D . -3.76 -12.15 13.69
C8 ERT D . -4.89 -11.45 12.95
C9 ERT D . -4.60 -9.97 12.74
C13 ERT D . -5.85 -9.42 12.06
C14 ERT D . -5.77 -7.98 11.62
O9 ERT D . -4.42 -9.30 13.98
O7 ERT D . -3.64 -11.48 14.98
C1' ERT D . -4.57 -11.92 15.98
C2' ERT D . -3.92 -13.05 16.76
C3' ERT D . -2.81 -12.49 17.63
N3' ERT D . -2.20 -13.70 18.24
C7' ERT D . -1.15 -14.16 17.67
C8' ERT D . -2.70 -14.33 19.22
C4' ERT D . -3.36 -11.43 18.58
O4' ERT D . -4.41 -11.91 19.43
C5' ERT D . -3.93 -10.33 17.68
O5' ERT D . -4.95 -10.81 16.82
C6' ERT D . -4.53 -9.15 18.43
N SAH E . 2.82 19.05 -21.38
CA SAH E . 2.65 17.64 -21.04
CB SAH E . 3.37 17.44 -19.74
CG SAH E . 3.89 16.04 -19.60
SD SAH E . 4.58 15.95 -18.07
C SAH E . 1.20 17.29 -20.86
O SAH E . 0.37 18.17 -20.58
OXT SAH E . 0.85 16.10 -20.96
C5' SAH E . 5.92 16.93 -17.80
C4' SAH E . 6.95 16.87 -18.92
O4' SAH E . 8.05 17.79 -18.84
C3' SAH E . 7.57 15.50 -19.16
O3' SAH E . 7.16 15.13 -20.46
C2' SAH E . 9.06 15.67 -19.25
O2' SAH E . 9.62 15.10 -20.40
C1' SAH E . 9.28 17.17 -19.23
N9 SAH E . 10.53 17.64 -18.60
C8 SAH E . 11.05 17.46 -17.37
N7 SAH E . 12.24 18.12 -17.27
C5 SAH E . 12.47 18.71 -18.44
C6 SAH E . 13.55 19.54 -18.94
N6 SAH E . 14.55 19.82 -18.16
N1 SAH E . 13.46 19.96 -20.19
C2 SAH E . 12.35 19.68 -21.13
N3 SAH E . 11.30 18.86 -20.53
C4 SAH E . 11.42 18.41 -19.23
O11 ERT F . -1.45 10.17 -12.26
C11 ERT F . -1.42 11.32 -12.75
C18 ERT F . -0.19 11.98 -12.93
C17 ERT F . -0.23 13.33 -13.50
C6 ERT F . -1.44 13.90 -13.83
O6 ERT F . -1.48 15.13 -14.35
C5 ERT F . 1.06 14.04 -13.69
O5 ERT F . 1.07 15.19 -14.17
C16 ERT F . 2.32 13.35 -13.31
C4 ERT F . 3.55 13.97 -13.49
O4 ERT F . 3.66 15.22 -13.97
C40 ERT F . 3.81 15.53 -15.34
C3 ERT F . 4.72 13.31 -13.10
C2 ERT F . 4.65 12.02 -12.58
C15 ERT F . 2.25 12.07 -12.78
C1 ERT F . 3.42 11.40 -12.41
C12 ERT F . 1.04 11.41 -12.60
O12 ERT F . 1.10 10.27 -12.11
C19 ERT F . -2.64 11.93 -13.08
C10 ERT F . -3.90 11.13 -12.87
C21 ERT F . -4.05 10.70 -11.39
O13 ERT F . -3.48 11.50 -10.36
O10 ERT F . -4.67 9.44 -11.08
C22 ERT F . -5.35 9.40 -9.81
C20 ERT F . -2.63 13.23 -13.64
C7 ERT F . -3.86 13.97 -14.02
C8 ERT F . -5.09 13.33 -13.35
C9 ERT F . -5.13 11.81 -13.51
C13 ERT F . -6.50 11.31 -12.98
C14 ERT F . -6.99 10.01 -13.61
O9 ERT F . -5.08 11.51 -14.92
O7 ERT F . -3.98 14.04 -15.45
C1' ERT F . -4.49 15.28 -15.99
C2' ERT F . -3.48 15.81 -17.01
C3' ERT F . -3.46 14.86 -18.19
N3' ERT F . -2.43 15.33 -19.11
C7' ERT F . -2.48 16.45 -19.68
C8' ERT F . -1.45 14.55 -19.32
C4' ERT F . -4.83 14.74 -18.88
O4' ERT F . -4.86 15.34 -20.18
C5' ERT F . -5.99 15.28 -18.00
O5' ERT F . -5.78 15.05 -16.59
C6' ERT F . -6.30 16.75 -18.24
#